data_7WDU
#
_entry.id   7WDU
#
_cell.length_a   77.404
_cell.length_b   58.947
_cell.length_c   84.353
_cell.angle_alpha   90.000
_cell.angle_beta   91.700
_cell.angle_gamma   90.000
#
_symmetry.space_group_name_H-M   'P 1 21 1'
#
loop_
_entity.id
_entity.type
_entity.pdbx_description
1 polymer Beta-N-acetylhexosaminidase
2 non-polymer '[[(3R,4R,5S,6R)-3-acetamido-4,5-bis(oxidanyl)-6-(sulfooxymethyl)oxan-2-ylidene]amino] N-phenylcarbamate'
3 non-polymer 'CALCIUM ION'
4 water water
#
_entity_poly.entity_id   1
_entity_poly.type   'polypeptide(L)'
_entity_poly.pdbx_seq_one_letter_code
;MAAESSTSTVSNLATMATVTASGREVSSGFGPELAADNQDLPDNPTDKSVHNASGASRWSADRGSGPWWLAYEFPGEATI
SSVNIAWGNTYATNYSIQTSDDGSNWTDVKTGLKATAQAQWVKTTFDTPIKTRHIRMIATTKSQSWSLSVWEMRTMGTIS
AVATDPLSRLTPRPLYAQSADGEAFELKKNTCVSVSDGSLLPAVDVMRDELGTSYGLKLAEGTNCPITFTLDENLDVTGH
VGSAQSITADEAYTIVSDADSVTVKARSATAGIWAAQTLLQLIGPWTNSTVKLADVAFIPAVNIADAPRYQWRGVLVDPA
RSFYPLDEMKQMIDVMSAYKMNTLHLHLSEDEGFRVEITNDGRADGDTTDYTQLAIKSGAISYQSAWTSNWSPAQDGRTG
YWTQSEFIELVAYAADHGIAIVPEIDGPGHSFSLLHGLAELNTGNSNPKPAAGEDTPAFIQSAQGRSSLATDADITYTVL
GHIMDQLDGMIDKGIKASTMPASELKRMYFHLGGDELFLSGGAGNKTERLQEYLGRSGALVKERDKTTIVWNDGLDAVDQ
IPEGSVVQHWTGNAANNASIQKLLNQRNGKIIMSPAGNTYFPQRPGTETTGVTWACGACTTSNFYQWNPTSSAGTTEDKV
LGVEDALWSEHLRSLNDAEFLMYTRMMATAEVGWTQQNRKDYDNWNKRVGDIAIDLMNRGANFHKATEVTSWKGSYAAVD
AAEQKVTDGKVLVGRYAEPGLTGTDGLSFTATYTAEGGTAVNLPVTPDMKQTYSQQQLKNGRLVVNGAHMNSIVDVYVTL
PSDVLAADSEAVGRLDVSVSSSTYHHHHHH
;
_entity_poly.pdbx_strand_id   A
#
# COMPACT_ATOMS: atom_id res chain seq x y z
N THR A 9 -1.10 -17.54 -37.04
CA THR A 9 -2.37 -17.62 -37.80
C THR A 9 -3.49 -16.98 -36.97
N VAL A 10 -4.03 -15.85 -37.41
CA VAL A 10 -5.08 -15.13 -36.64
C VAL A 10 -6.47 -15.45 -37.19
N SER A 11 -7.52 -15.09 -36.45
CA SER A 11 -8.91 -15.34 -36.87
C SER A 11 -9.85 -14.28 -36.26
N ASN A 12 -11.07 -14.18 -36.78
CA ASN A 12 -12.07 -13.26 -36.21
C ASN A 12 -12.57 -13.86 -34.90
N LEU A 13 -12.05 -13.38 -33.77
CA LEU A 13 -12.37 -13.95 -32.43
C LEU A 13 -13.78 -13.48 -32.00
N ALA A 14 -14.44 -12.63 -32.77
CA ALA A 14 -15.83 -12.14 -32.50
C ALA A 14 -16.80 -13.31 -32.25
N THR A 15 -16.65 -14.42 -32.98
CA THR A 15 -17.59 -15.59 -33.00
C THR A 15 -17.54 -16.39 -31.68
N MET A 16 -16.54 -16.18 -30.83
CA MET A 16 -16.48 -16.85 -29.50
C MET A 16 -16.56 -15.82 -28.38
N ALA A 17 -16.85 -14.56 -28.71
CA ALA A 17 -16.96 -13.48 -27.71
C ALA A 17 -18.37 -13.48 -27.10
N THR A 18 -18.46 -13.02 -25.84
CA THR A 18 -19.72 -12.64 -25.17
C THR A 18 -19.89 -11.13 -25.38
N VAL A 19 -20.95 -10.72 -26.09
CA VAL A 19 -21.09 -9.34 -26.60
C VAL A 19 -22.03 -8.57 -25.66
N THR A 20 -21.66 -7.33 -25.36
CA THR A 20 -22.46 -6.34 -24.58
C THR A 20 -22.35 -5.01 -25.33
N ALA A 21 -23.35 -4.15 -25.16
CA ALA A 21 -23.46 -2.82 -25.76
C ALA A 21 -23.99 -1.81 -24.73
N SER A 22 -23.72 -0.52 -24.94
CA SER A 22 -24.43 0.58 -24.25
C SER A 22 -25.94 0.38 -24.35
N GLY A 23 -26.42 -0.20 -25.46
CA GLY A 23 -27.85 -0.44 -25.69
C GLY A 23 -28.13 -0.87 -27.13
N ARG A 24 -29.40 -0.86 -27.53
CA ARG A 24 -29.87 -1.31 -28.86
C ARG A 24 -31.16 -0.56 -29.22
N GLU A 25 -31.42 -0.39 -30.53
CA GLU A 25 -32.58 0.36 -31.09
C GLU A 25 -33.89 -0.34 -30.69
N VAL A 26 -34.03 -1.61 -31.04
CA VAL A 26 -35.27 -2.41 -30.85
C VAL A 26 -34.92 -3.77 -30.24
N SER A 27 -35.79 -4.27 -29.36
CA SER A 27 -35.62 -5.53 -28.58
C SER A 27 -35.75 -6.73 -29.51
N SER A 28 -36.40 -6.53 -30.66
CA SER A 28 -36.75 -7.56 -31.67
C SER A 28 -35.50 -8.02 -32.44
N GLY A 29 -34.73 -7.06 -33.00
CA GLY A 29 -33.60 -7.37 -33.91
C GLY A 29 -32.49 -6.34 -33.79
N PHE A 30 -31.51 -6.40 -34.69
CA PHE A 30 -30.38 -5.45 -34.78
C PHE A 30 -29.57 -5.44 -33.47
N GLY A 31 -29.45 -6.60 -32.85
CA GLY A 31 -28.76 -6.78 -31.55
C GLY A 31 -27.24 -6.71 -31.70
N PRO A 32 -26.54 -6.33 -30.62
CA PRO A 32 -25.09 -6.22 -30.63
C PRO A 32 -24.41 -7.48 -31.17
N GLU A 33 -24.96 -8.66 -30.89
CA GLU A 33 -24.33 -9.95 -31.24
C GLU A 33 -24.22 -10.06 -32.77
N LEU A 34 -25.01 -9.28 -33.52
CA LEU A 34 -25.02 -9.33 -35.01
C LEU A 34 -23.80 -8.59 -35.59
N ALA A 35 -23.05 -7.85 -34.79
CA ALA A 35 -21.69 -7.33 -35.14
C ALA A 35 -20.65 -8.47 -35.07
N ALA A 36 -20.96 -9.56 -34.36
CA ALA A 36 -20.01 -10.63 -33.97
C ALA A 36 -20.28 -11.94 -34.73
N ASP A 37 -21.09 -11.95 -35.78
CA ASP A 37 -21.46 -13.20 -36.48
C ASP A 37 -20.59 -13.42 -37.74
N ASN A 38 -19.54 -12.60 -37.94
CA ASN A 38 -18.49 -12.82 -38.98
C ASN A 38 -19.13 -12.97 -40.37
N GLN A 39 -20.15 -12.17 -40.66
CA GLN A 39 -20.85 -12.20 -41.96
C GLN A 39 -20.36 -11.05 -42.83
N ASP A 40 -19.99 -11.35 -44.08
CA ASP A 40 -19.60 -10.37 -45.12
C ASP A 40 -20.78 -9.44 -45.40
N LEU A 41 -20.53 -8.17 -45.73
CA LEU A 41 -21.63 -7.21 -46.00
C LEU A 41 -22.56 -7.79 -47.05
N PRO A 42 -23.89 -7.64 -46.91
CA PRO A 42 -24.82 -8.04 -47.97
C PRO A 42 -24.63 -7.23 -49.26
N ASP A 43 -25.17 -7.74 -50.37
CA ASP A 43 -25.36 -6.97 -51.64
C ASP A 43 -26.08 -5.67 -51.33
N ASN A 44 -25.63 -4.55 -51.92
CA ASN A 44 -26.31 -3.23 -51.87
C ASN A 44 -26.55 -2.84 -50.42
N PRO A 45 -25.49 -2.82 -49.57
CA PRO A 45 -25.67 -2.62 -48.13
C PRO A 45 -26.24 -1.23 -47.77
N THR A 46 -26.10 -0.23 -48.63
CA THR A 46 -26.63 1.13 -48.37
C THR A 46 -28.14 1.20 -48.70
N ASP A 47 -28.73 0.18 -49.33
CA ASP A 47 -30.17 0.17 -49.69
C ASP A 47 -30.98 0.08 -48.40
N LYS A 48 -31.95 0.96 -48.22
CA LYS A 48 -32.83 1.01 -47.02
C LYS A 48 -33.43 -0.38 -46.83
N SER A 49 -33.82 -1.03 -47.91
CA SER A 49 -34.46 -2.37 -47.92
C SER A 49 -33.47 -3.47 -47.52
N VAL A 50 -32.17 -3.28 -47.76
CA VAL A 50 -31.12 -4.24 -47.31
C VAL A 50 -30.73 -3.87 -45.88
N HIS A 51 -30.37 -2.61 -45.64
CA HIS A 51 -29.88 -2.10 -44.33
C HIS A 51 -30.98 -2.26 -43.27
N ASN A 52 -32.26 -2.19 -43.66
CA ASN A 52 -33.38 -2.16 -42.68
C ASN A 52 -34.28 -3.38 -42.79
N ALA A 53 -33.88 -4.41 -43.55
CA ALA A 53 -34.52 -5.75 -43.50
C ALA A 53 -34.49 -6.24 -42.06
N SER A 54 -35.60 -6.79 -41.55
CA SER A 54 -35.78 -7.10 -40.11
C SER A 54 -34.64 -7.99 -39.62
N GLY A 55 -34.09 -8.85 -40.49
CA GLY A 55 -33.02 -9.78 -40.09
C GLY A 55 -31.61 -9.35 -40.52
N ALA A 56 -31.39 -8.09 -40.90
CA ALA A 56 -30.05 -7.58 -41.31
C ALA A 56 -29.02 -7.83 -40.20
N SER A 57 -27.85 -8.35 -40.57
CA SER A 57 -26.75 -8.84 -39.70
C SER A 57 -25.91 -7.67 -39.22
N ARG A 58 -26.51 -6.75 -38.46
CA ARG A 58 -25.85 -5.55 -37.91
C ARG A 58 -26.40 -5.19 -36.53
N TRP A 59 -25.58 -4.49 -35.75
CA TRP A 59 -26.01 -3.81 -34.52
C TRP A 59 -26.64 -2.46 -34.89
N SER A 60 -27.86 -2.21 -34.41
CA SER A 60 -28.46 -0.86 -34.33
C SER A 60 -28.45 -0.45 -32.85
N ALA A 61 -27.71 0.59 -32.50
CA ALA A 61 -27.43 1.02 -31.10
C ALA A 61 -28.66 1.72 -30.50
N ASP A 62 -28.60 2.00 -29.20
CA ASP A 62 -29.51 2.94 -28.49
C ASP A 62 -29.37 4.31 -29.15
N ARG A 63 -30.39 5.18 -29.04
CA ARG A 63 -30.30 6.62 -29.41
C ARG A 63 -29.77 7.40 -28.19
N GLY A 64 -30.38 8.52 -27.80
CA GLY A 64 -29.89 9.38 -26.71
C GLY A 64 -28.51 9.95 -27.00
N SER A 65 -27.89 10.54 -25.99
CA SER A 65 -26.67 11.40 -26.11
C SER A 65 -25.43 10.54 -26.35
N GLY A 66 -25.49 9.26 -25.98
CA GLY A 66 -24.31 8.36 -25.94
C GLY A 66 -23.42 8.75 -24.76
N PRO A 67 -22.14 8.30 -24.69
CA PRO A 67 -21.51 7.49 -25.74
C PRO A 67 -22.18 6.15 -26.05
N TRP A 68 -22.01 5.66 -27.30
CA TRP A 68 -22.43 4.29 -27.72
C TRP A 68 -21.20 3.38 -27.79
N TRP A 69 -21.27 2.20 -27.17
CA TRP A 69 -20.14 1.25 -27.12
C TRP A 69 -20.60 -0.18 -27.39
N LEU A 70 -19.67 -0.97 -27.93
CA LEU A 70 -19.87 -2.40 -28.23
C LEU A 70 -18.64 -3.12 -27.67
N ALA A 71 -18.86 -4.06 -26.74
CA ALA A 71 -17.80 -4.71 -25.95
C ALA A 71 -17.84 -6.22 -26.14
N TYR A 72 -16.67 -6.82 -26.35
CA TYR A 72 -16.48 -8.28 -26.51
C TYR A 72 -15.74 -8.79 -25.28
N GLU A 73 -16.27 -9.83 -24.64
CA GLU A 73 -15.51 -10.57 -23.62
C GLU A 73 -15.10 -11.92 -24.23
N PHE A 74 -13.82 -12.24 -24.17
CA PHE A 74 -13.25 -13.48 -24.75
C PHE A 74 -13.09 -14.51 -23.66
N PRO A 75 -13.33 -15.79 -24.00
CA PRO A 75 -13.16 -16.89 -23.05
C PRO A 75 -11.66 -17.26 -22.94
N GLY A 76 -10.88 -16.34 -22.38
CA GLY A 76 -9.42 -16.50 -22.30
C GLY A 76 -8.73 -15.18 -22.59
N GLU A 77 -7.39 -15.21 -22.65
CA GLU A 77 -6.50 -14.11 -23.07
C GLU A 77 -6.43 -14.09 -24.60
N ALA A 78 -7.00 -13.06 -25.25
CA ALA A 78 -6.91 -12.86 -26.71
C ALA A 78 -5.64 -12.07 -27.01
N THR A 79 -4.89 -12.48 -28.01
CA THR A 79 -3.82 -11.64 -28.63
C THR A 79 -4.39 -11.06 -29.94
N ILE A 80 -4.74 -9.77 -29.92
CA ILE A 80 -5.38 -9.03 -31.05
C ILE A 80 -4.32 -8.26 -31.86
N SER A 81 -4.23 -8.53 -33.17
CA SER A 81 -3.35 -7.88 -34.18
C SER A 81 -4.03 -6.63 -34.74
N SER A 82 -5.35 -6.65 -34.90
CA SER A 82 -6.14 -5.56 -35.53
C SER A 82 -7.64 -5.70 -35.23
N VAL A 83 -8.40 -4.61 -35.40
CA VAL A 83 -9.88 -4.57 -35.29
C VAL A 83 -10.40 -3.96 -36.58
N ASN A 84 -11.21 -4.70 -37.34
CA ASN A 84 -11.84 -4.19 -38.57
C ASN A 84 -13.34 -3.94 -38.34
N ILE A 85 -13.81 -2.72 -38.54
CA ILE A 85 -15.25 -2.38 -38.27
C ILE A 85 -15.91 -1.97 -39.59
N ALA A 86 -16.98 -2.66 -39.96
CA ALA A 86 -17.87 -2.33 -41.11
C ALA A 86 -19.02 -1.49 -40.55
N TRP A 87 -18.91 -0.17 -40.73
CA TRP A 87 -19.91 0.85 -40.32
C TRP A 87 -21.12 0.79 -41.25
N GLY A 88 -22.33 0.98 -40.71
CA GLY A 88 -23.57 0.92 -41.51
C GLY A 88 -23.94 2.28 -42.09
N ASN A 89 -25.22 2.61 -42.13
CA ASN A 89 -25.73 3.78 -42.88
C ASN A 89 -25.61 5.01 -42.00
N THR A 90 -25.57 4.83 -40.68
CA THR A 90 -25.14 5.83 -39.68
C THR A 90 -23.81 5.38 -39.09
N TYR A 91 -22.72 6.13 -39.27
CA TYR A 91 -21.35 5.71 -38.86
C TYR A 91 -20.77 6.64 -37.76
N ALA A 92 -19.84 6.11 -36.96
CA ALA A 92 -19.13 6.86 -35.89
C ALA A 92 -18.20 7.90 -36.53
N THR A 93 -18.33 9.16 -36.13
CA THR A 93 -17.54 10.29 -36.68
C THR A 93 -16.36 10.53 -35.72
N ASN A 94 -16.48 10.09 -34.47
CA ASN A 94 -15.35 9.97 -33.50
C ASN A 94 -15.54 8.76 -32.57
N TYR A 95 -14.49 7.96 -32.42
CA TYR A 95 -14.55 6.71 -31.62
C TYR A 95 -13.15 6.25 -31.25
N SER A 96 -13.11 5.41 -30.21
CA SER A 96 -11.90 4.83 -29.61
C SER A 96 -12.04 3.32 -29.54
N ILE A 97 -10.91 2.63 -29.43
CA ILE A 97 -10.84 1.18 -29.09
C ILE A 97 -10.13 1.09 -27.73
N GLN A 98 -10.74 0.39 -26.78
CA GLN A 98 -10.26 0.24 -25.39
C GLN A 98 -10.16 -1.25 -25.07
N THR A 99 -9.28 -1.58 -24.13
CA THR A 99 -9.11 -2.94 -23.56
C THR A 99 -9.45 -2.87 -22.09
N SER A 100 -9.70 -4.03 -21.53
CA SER A 100 -9.97 -4.23 -20.11
C SER A 100 -9.50 -5.63 -19.73
N ASP A 101 -8.98 -5.78 -18.51
CA ASP A 101 -8.66 -7.10 -17.95
C ASP A 101 -9.87 -7.59 -17.14
N ASP A 102 -10.63 -6.66 -16.53
CA ASP A 102 -11.67 -7.01 -15.52
C ASP A 102 -13.08 -6.86 -16.09
N GLY A 103 -13.24 -6.05 -17.15
CA GLY A 103 -14.51 -5.88 -17.88
C GLY A 103 -15.27 -4.64 -17.43
N SER A 104 -14.73 -3.89 -16.44
CA SER A 104 -15.31 -2.64 -15.86
C SER A 104 -14.44 -1.42 -16.19
N ASN A 105 -13.11 -1.58 -16.11
CA ASN A 105 -12.08 -0.52 -16.30
C ASN A 105 -11.45 -0.64 -17.68
N TRP A 106 -11.64 0.40 -18.47
CA TRP A 106 -11.26 0.41 -19.91
C TRP A 106 -10.08 1.37 -20.11
N THR A 107 -9.06 0.92 -20.84
CA THR A 107 -7.84 1.70 -21.22
C THR A 107 -7.84 1.90 -22.75
N ASP A 108 -7.69 3.14 -23.21
CA ASP A 108 -7.51 3.50 -24.64
C ASP A 108 -6.30 2.75 -25.20
N VAL A 109 -6.46 2.14 -26.37
CA VAL A 109 -5.32 1.61 -27.18
C VAL A 109 -5.23 2.37 -28.49
N LYS A 110 -6.35 2.83 -29.06
CA LYS A 110 -6.36 3.73 -30.24
C LYS A 110 -7.52 4.71 -30.16
N THR A 111 -7.22 5.98 -30.37
CA THR A 111 -8.15 7.12 -30.29
C THR A 111 -8.09 7.89 -31.61
N GLY A 112 -9.07 8.76 -31.82
CA GLY A 112 -9.14 9.67 -32.97
C GLY A 112 -9.45 8.89 -34.22
N LEU A 113 -10.25 7.84 -34.08
CA LEU A 113 -10.72 6.98 -35.19
C LEU A 113 -12.04 7.58 -35.72
N LYS A 114 -12.24 7.49 -37.03
CA LYS A 114 -13.42 8.05 -37.72
C LYS A 114 -13.75 7.06 -38.83
N ALA A 115 -15.04 6.80 -39.06
CA ALA A 115 -15.57 6.33 -40.35
C ALA A 115 -15.87 7.59 -41.17
N THR A 116 -15.84 7.49 -42.50
CA THR A 116 -16.04 8.65 -43.40
C THR A 116 -17.01 8.31 -44.52
N ALA A 117 -17.72 7.19 -44.44
CA ALA A 117 -18.74 6.79 -45.44
C ALA A 117 -19.51 5.56 -44.94
N GLN A 118 -20.72 5.38 -45.47
CA GLN A 118 -21.65 4.28 -45.14
C GLN A 118 -21.11 2.94 -45.67
N ALA A 119 -21.39 1.85 -44.99
CA ALA A 119 -20.95 0.49 -45.37
C ALA A 119 -19.43 0.51 -45.65
N GLN A 120 -18.64 1.15 -44.76
CA GLN A 120 -17.17 1.28 -44.89
C GLN A 120 -16.46 0.43 -43.84
N TRP A 121 -15.45 -0.33 -44.27
CA TRP A 121 -14.50 -1.06 -43.40
C TRP A 121 -13.44 -0.07 -42.94
N VAL A 122 -13.30 0.08 -41.62
CA VAL A 122 -12.23 0.90 -40.97
C VAL A 122 -11.41 -0.08 -40.15
N LYS A 123 -10.13 -0.21 -40.52
CA LYS A 123 -9.22 -1.24 -39.99
C LYS A 123 -8.24 -0.53 -39.06
N THR A 124 -8.12 -1.02 -37.84
CA THR A 124 -7.18 -0.47 -36.83
C THR A 124 -6.21 -1.60 -36.45
N THR A 125 -4.98 -1.52 -36.95
CA THR A 125 -3.84 -2.47 -36.73
C THR A 125 -3.05 -1.98 -35.51
N PHE A 126 -2.76 -2.86 -34.55
CA PHE A 126 -1.86 -2.53 -33.42
C PHE A 126 -0.44 -2.89 -33.86
N ASP A 127 0.49 -1.98 -33.57
CA ASP A 127 1.89 -2.08 -34.04
C ASP A 127 2.51 -3.26 -33.28
N THR A 128 2.02 -3.52 -32.07
CA THR A 128 2.26 -4.78 -31.33
C THR A 128 0.91 -5.35 -30.89
N PRO A 129 0.63 -6.64 -31.21
CA PRO A 129 -0.58 -7.29 -30.75
C PRO A 129 -0.77 -7.12 -29.23
N ILE A 130 -1.99 -6.80 -28.85
CA ILE A 130 -2.35 -6.51 -27.45
C ILE A 130 -2.96 -7.78 -26.85
N LYS A 131 -2.55 -8.14 -25.64
CA LYS A 131 -3.09 -9.30 -24.88
C LYS A 131 -4.25 -8.75 -24.02
N THR A 132 -5.45 -9.29 -24.12
CA THR A 132 -6.59 -8.81 -23.29
C THR A 132 -7.75 -9.82 -23.26
N ARG A 133 -8.58 -9.75 -22.23
CA ARG A 133 -9.81 -10.59 -22.07
C ARG A 133 -11.01 -9.80 -22.58
N HIS A 134 -10.86 -8.50 -22.84
CA HIS A 134 -11.98 -7.60 -23.24
C HIS A 134 -11.47 -6.56 -24.24
N ILE A 135 -12.28 -6.24 -25.26
CA ILE A 135 -12.00 -5.12 -26.20
C ILE A 135 -13.36 -4.47 -26.49
N ARG A 136 -13.38 -3.16 -26.69
CA ARG A 136 -14.65 -2.42 -26.95
C ARG A 136 -14.40 -1.23 -27.88
N MET A 137 -15.40 -0.98 -28.72
CA MET A 137 -15.53 0.26 -29.51
C MET A 137 -16.42 1.20 -28.70
N ILE A 138 -15.95 2.42 -28.42
CA ILE A 138 -16.79 3.49 -27.85
C ILE A 138 -16.77 4.71 -28.80
N ALA A 139 -17.95 5.20 -29.18
CA ALA A 139 -18.15 6.33 -30.11
C ALA A 139 -18.88 7.48 -29.37
N THR A 140 -18.37 8.70 -29.55
CA THR A 140 -18.88 9.95 -28.92
C THR A 140 -19.80 10.71 -29.88
N THR A 141 -19.58 10.64 -31.20
CA THR A 141 -20.31 11.40 -32.26
C THR A 141 -20.61 10.48 -33.44
N LYS A 142 -21.72 10.70 -34.16
CA LYS A 142 -22.16 9.86 -35.31
C LYS A 142 -22.62 10.74 -36.46
N SER A 143 -22.95 10.14 -37.62
CA SER A 143 -23.16 10.80 -38.94
C SER A 143 -24.61 11.25 -39.14
N GLN A 144 -25.56 10.75 -38.36
CA GLN A 144 -27.01 11.11 -38.45
C GLN A 144 -27.63 10.96 -37.07
N SER A 145 -28.89 11.37 -36.94
CA SER A 145 -29.68 11.27 -35.69
C SER A 145 -30.09 9.80 -35.49
N TRP A 146 -30.16 9.04 -36.59
CA TRP A 146 -30.41 7.55 -36.61
C TRP A 146 -29.45 6.83 -35.66
N SER A 147 -29.87 5.68 -35.15
CA SER A 147 -29.04 4.75 -34.34
C SER A 147 -27.74 4.42 -35.07
N LEU A 148 -26.61 4.47 -34.37
CA LEU A 148 -25.29 4.02 -34.89
C LEU A 148 -25.44 2.59 -35.40
N SER A 149 -24.81 2.28 -36.54
CA SER A 149 -24.98 1.00 -37.25
C SER A 149 -23.62 0.34 -37.43
N VAL A 150 -23.50 -0.90 -36.94
CA VAL A 150 -22.25 -1.73 -37.07
C VAL A 150 -22.64 -3.06 -37.68
N TRP A 151 -22.29 -3.28 -38.95
CA TRP A 151 -22.48 -4.58 -39.62
C TRP A 151 -21.56 -5.60 -38.92
N GLU A 152 -20.32 -5.20 -38.64
CA GLU A 152 -19.24 -6.12 -38.19
C GLU A 152 -18.21 -5.39 -37.34
N MET A 153 -17.86 -5.96 -36.19
CA MET A 153 -16.56 -5.66 -35.52
C MET A 153 -15.75 -6.96 -35.53
N ARG A 154 -14.75 -7.02 -36.37
CA ARG A 154 -13.84 -8.20 -36.48
C ARG A 154 -12.58 -7.92 -35.66
N THR A 155 -12.35 -8.74 -34.66
CA THR A 155 -11.17 -8.65 -33.76
C THR A 155 -10.22 -9.77 -34.12
N MET A 156 -9.19 -9.44 -34.89
CA MET A 156 -8.37 -10.49 -35.52
C MET A 156 -7.27 -10.85 -34.52
N GLY A 157 -7.17 -12.12 -34.13
CA GLY A 157 -6.08 -12.60 -33.27
C GLY A 157 -6.16 -14.08 -32.94
N THR A 158 -5.47 -14.48 -31.86
CA THR A 158 -5.42 -15.86 -31.34
C THR A 158 -5.99 -15.81 -29.92
N ILE A 159 -6.56 -16.91 -29.45
CA ILE A 159 -7.04 -17.05 -28.04
C ILE A 159 -6.20 -18.12 -27.35
N SER A 160 -5.82 -17.84 -26.09
CA SER A 160 -5.28 -18.83 -25.11
C SER A 160 -6.33 -19.05 -24.02
N ALA A 161 -6.87 -20.28 -23.91
CA ALA A 161 -7.95 -20.71 -23.00
C ALA A 161 -7.43 -20.78 -21.55
N VAL A 162 -7.03 -19.64 -20.99
CA VAL A 162 -6.51 -19.53 -19.59
C VAL A 162 -7.54 -18.72 -18.81
N ALA A 163 -8.02 -19.25 -17.68
CA ALA A 163 -9.00 -18.61 -16.77
C ALA A 163 -8.34 -17.40 -16.10
N THR A 164 -9.17 -16.48 -15.56
CA THR A 164 -8.69 -15.35 -14.73
C THR A 164 -8.06 -15.93 -13.47
N ASP A 165 -6.93 -15.35 -13.09
CA ASP A 165 -6.12 -15.78 -11.92
C ASP A 165 -6.59 -14.95 -10.74
N PRO A 166 -7.36 -15.51 -9.79
CA PRO A 166 -7.80 -14.74 -8.62
C PRO A 166 -6.65 -14.52 -7.62
N LEU A 167 -5.43 -15.01 -7.92
CA LEU A 167 -4.19 -14.83 -7.10
C LEU A 167 -3.39 -13.62 -7.59
N SER A 168 -3.88 -12.93 -8.61
CA SER A 168 -3.15 -11.89 -9.37
C SER A 168 -3.04 -10.59 -8.56
N ARG A 169 -3.81 -10.44 -7.49
CA ARG A 169 -3.77 -9.23 -6.63
C ARG A 169 -2.63 -9.30 -5.61
N LEU A 170 -2.26 -10.52 -5.18
CA LEU A 170 -1.38 -10.73 -3.99
C LEU A 170 -0.11 -9.88 -4.11
N THR A 171 0.06 -8.97 -3.16
CA THR A 171 1.30 -8.17 -2.94
C THR A 171 1.69 -8.33 -1.47
N PRO A 172 2.94 -8.75 -1.14
CA PRO A 172 3.95 -9.12 -2.12
C PRO A 172 3.64 -10.40 -2.92
N ARG A 173 4.26 -10.52 -4.09
CA ARG A 173 4.11 -11.73 -4.94
C ARG A 173 4.60 -12.93 -4.14
N PRO A 174 3.74 -13.95 -3.91
CA PRO A 174 4.11 -15.07 -3.05
C PRO A 174 5.18 -15.99 -3.67
N LEU A 175 5.73 -16.91 -2.88
CA LEU A 175 6.77 -17.87 -3.35
C LEU A 175 6.13 -18.85 -4.36
N TYR A 176 5.00 -19.45 -3.98
CA TYR A 176 4.16 -20.36 -4.81
C TYR A 176 2.68 -20.01 -4.58
N ALA A 177 1.91 -19.93 -5.65
CA ALA A 177 0.44 -19.76 -5.62
C ALA A 177 -0.12 -20.26 -6.95
N GLN A 178 -1.11 -21.14 -6.87
CA GLN A 178 -1.86 -21.63 -8.04
C GLN A 178 -3.32 -21.75 -7.62
N SER A 179 -4.25 -21.53 -8.55
CA SER A 179 -5.68 -21.90 -8.42
C SER A 179 -5.78 -23.36 -7.98
N ALA A 180 -6.78 -23.68 -7.15
CA ALA A 180 -7.14 -25.07 -6.80
C ALA A 180 -8.48 -25.38 -7.44
N ASP A 181 -8.93 -26.62 -7.35
CA ASP A 181 -10.15 -27.14 -7.99
C ASP A 181 -11.38 -26.67 -7.20
N GLY A 182 -12.39 -26.10 -7.90
CA GLY A 182 -13.77 -25.97 -7.40
C GLY A 182 -14.27 -24.54 -7.32
N GLU A 183 -15.46 -24.37 -6.75
CA GLU A 183 -16.06 -23.06 -6.41
C GLU A 183 -15.19 -22.43 -5.32
N ALA A 184 -15.41 -21.16 -5.05
CA ALA A 184 -14.69 -20.40 -4.01
C ALA A 184 -15.37 -20.72 -2.68
N PHE A 185 -14.69 -20.47 -1.57
CA PHE A 185 -15.27 -20.55 -0.21
C PHE A 185 -16.09 -19.29 0.04
N GLU A 186 -17.37 -19.49 0.38
CA GLU A 186 -18.28 -18.38 0.75
C GLU A 186 -18.18 -18.20 2.27
N LEU A 187 -17.93 -16.97 2.69
CA LEU A 187 -18.00 -16.51 4.10
C LEU A 187 -19.44 -16.11 4.40
N LYS A 188 -20.03 -16.74 5.42
CA LYS A 188 -21.41 -16.49 5.91
C LYS A 188 -21.25 -15.82 7.26
N LYS A 189 -22.33 -15.25 7.81
CA LYS A 189 -22.22 -14.40 9.03
C LYS A 189 -21.73 -15.27 10.18
N ASN A 190 -22.10 -16.55 10.17
CA ASN A 190 -21.85 -17.50 11.29
C ASN A 190 -20.54 -18.28 11.06
N THR A 191 -19.79 -18.02 10.00
CA THR A 191 -18.52 -18.75 9.73
C THR A 191 -17.64 -18.55 10.96
N CYS A 192 -17.34 -19.62 11.71
CA CYS A 192 -16.36 -19.58 12.81
C CYS A 192 -14.96 -19.96 12.29
N VAL A 193 -13.96 -19.78 13.14
CA VAL A 193 -12.54 -20.09 12.85
C VAL A 193 -12.01 -20.94 14.00
N SER A 194 -11.24 -21.97 13.68
CA SER A 194 -10.54 -22.79 14.69
C SER A 194 -9.04 -22.48 14.66
N VAL A 195 -8.43 -22.31 15.83
CA VAL A 195 -6.95 -22.15 15.98
C VAL A 195 -6.41 -23.32 16.83
N SER A 196 -5.23 -23.85 16.48
CA SER A 196 -4.47 -24.91 17.20
C SER A 196 -3.84 -24.32 18.46
N ASP A 197 -3.66 -23.00 18.49
CA ASP A 197 -2.94 -22.29 19.58
C ASP A 197 -3.51 -20.86 19.68
N GLY A 198 -3.64 -20.35 20.91
CA GLY A 198 -4.09 -19.00 21.26
C GLY A 198 -3.25 -17.90 20.62
N SER A 199 -1.98 -18.15 20.31
CA SER A 199 -1.08 -17.14 19.69
C SER A 199 -1.47 -16.90 18.22
N LEU A 200 -2.48 -17.62 17.71
CA LEU A 200 -3.03 -17.41 16.34
C LEU A 200 -4.29 -16.52 16.37
N LEU A 201 -4.76 -16.14 17.56
CA LEU A 201 -5.98 -15.29 17.70
C LEU A 201 -5.71 -13.90 17.17
N PRO A 202 -4.48 -13.33 17.34
CA PRO A 202 -4.17 -12.06 16.69
C PRO A 202 -4.36 -12.10 15.16
N ALA A 203 -3.97 -13.18 14.50
CA ALA A 203 -4.21 -13.38 13.05
C ALA A 203 -5.73 -13.22 12.78
N VAL A 204 -6.56 -13.87 13.60
CA VAL A 204 -8.04 -13.91 13.41
C VAL A 204 -8.61 -12.53 13.73
N ASP A 205 -8.08 -11.85 14.75
CA ASP A 205 -8.52 -10.46 15.09
C ASP A 205 -8.27 -9.55 13.89
N VAL A 206 -7.08 -9.61 13.26
CA VAL A 206 -6.75 -8.84 12.01
C VAL A 206 -7.86 -9.04 10.96
N MET A 207 -8.31 -10.27 10.75
CA MET A 207 -9.40 -10.54 9.76
C MET A 207 -10.71 -9.96 10.27
N ARG A 208 -10.96 -10.07 11.57
CA ARG A 208 -12.21 -9.60 12.23
C ARG A 208 -12.31 -8.08 12.19
N ASP A 209 -11.24 -7.33 12.50
CA ASP A 209 -11.21 -5.84 12.52
C ASP A 209 -11.62 -5.27 11.15
N GLU A 210 -11.40 -5.99 10.06
CA GLU A 210 -11.77 -5.56 8.68
C GLU A 210 -13.17 -6.09 8.33
N LEU A 211 -13.38 -7.40 8.44
CA LEU A 211 -14.54 -8.11 7.84
C LEU A 211 -15.79 -7.88 8.71
N GLY A 212 -15.58 -7.52 9.98
CA GLY A 212 -16.66 -7.16 10.91
C GLY A 212 -17.54 -6.06 10.33
N THR A 213 -16.96 -4.89 10.07
CA THR A 213 -17.64 -3.72 9.47
C THR A 213 -18.05 -4.01 8.02
N SER A 214 -17.14 -4.56 7.20
CA SER A 214 -17.32 -4.59 5.71
C SER A 214 -18.38 -5.62 5.28
N TYR A 215 -18.39 -6.82 5.87
CA TYR A 215 -19.27 -7.94 5.44
C TYR A 215 -20.11 -8.48 6.59
N GLY A 216 -20.07 -7.82 7.76
CA GLY A 216 -20.78 -8.23 8.99
C GLY A 216 -20.37 -9.62 9.47
N LEU A 217 -19.09 -10.00 9.28
CA LEU A 217 -18.54 -11.33 9.68
C LEU A 217 -18.00 -11.29 11.12
N LYS A 218 -18.59 -12.10 12.01
CA LYS A 218 -18.18 -12.22 13.43
C LYS A 218 -16.89 -13.03 13.51
N LEU A 219 -16.72 -14.06 12.67
CA LEU A 219 -15.53 -14.96 12.67
C LEU A 219 -15.21 -15.40 14.10
N ALA A 220 -16.24 -15.83 14.85
CA ALA A 220 -16.13 -16.34 16.23
C ALA A 220 -15.13 -17.50 16.26
N GLU A 221 -14.25 -17.53 17.27
CA GLU A 221 -13.45 -18.74 17.64
C GLU A 221 -14.43 -19.89 17.90
N GLY A 222 -14.23 -21.04 17.24
CA GLY A 222 -15.04 -22.25 17.45
C GLY A 222 -14.18 -23.51 17.40
N THR A 223 -14.82 -24.67 17.57
CA THR A 223 -14.23 -26.01 17.37
C THR A 223 -14.78 -26.58 16.06
N ASN A 224 -13.92 -27.26 15.29
CA ASN A 224 -14.24 -27.99 14.03
C ASN A 224 -14.83 -27.03 12.98
N CYS A 225 -14.29 -25.81 12.90
CA CYS A 225 -14.73 -24.75 11.96
C CYS A 225 -14.22 -25.03 10.55
N PRO A 226 -14.87 -24.50 9.50
CA PRO A 226 -14.40 -24.68 8.13
C PRO A 226 -13.14 -23.85 7.81
N ILE A 227 -12.87 -22.75 8.54
CA ILE A 227 -11.56 -22.02 8.42
C ILE A 227 -10.70 -22.46 9.60
N THR A 228 -9.52 -23.04 9.33
CA THR A 228 -8.59 -23.43 10.44
C THR A 228 -7.23 -22.72 10.29
N PHE A 229 -6.66 -22.36 11.44
CA PHE A 229 -5.27 -21.89 11.64
C PHE A 229 -4.52 -22.89 12.52
N THR A 230 -3.52 -23.57 11.95
CA THR A 230 -2.67 -24.56 12.66
C THR A 230 -1.25 -24.00 12.78
N LEU A 231 -0.74 -23.88 14.01
CA LEU A 231 0.69 -23.60 14.25
C LEU A 231 1.48 -24.90 14.06
N ASP A 232 2.48 -24.89 13.17
CA ASP A 232 3.38 -26.03 12.87
C ASP A 232 4.82 -25.51 12.79
N GLU A 233 5.59 -25.73 13.85
CA GLU A 233 6.94 -25.16 14.05
C GLU A 233 7.91 -25.87 13.10
N ASN A 234 7.43 -26.92 12.41
CA ASN A 234 8.19 -27.71 11.40
C ASN A 234 7.58 -27.55 10.00
N LEU A 235 6.65 -26.64 9.77
CA LEU A 235 6.02 -26.47 8.43
C LEU A 235 7.13 -26.29 7.39
N ASP A 236 7.10 -27.08 6.30
CA ASP A 236 8.20 -27.19 5.31
C ASP A 236 7.67 -26.81 3.93
N VAL A 237 8.10 -25.65 3.40
CA VAL A 237 7.72 -25.12 2.06
C VAL A 237 8.94 -25.18 1.12
N THR A 238 10.08 -25.77 1.54
CA THR A 238 11.35 -25.80 0.76
C THR A 238 11.15 -26.56 -0.56
N GLY A 239 10.12 -27.39 -0.66
CA GLY A 239 9.68 -28.05 -1.91
C GLY A 239 9.49 -27.04 -3.03
N HIS A 240 9.08 -25.80 -2.67
CA HIS A 240 8.83 -24.70 -3.64
C HIS A 240 10.04 -23.75 -3.72
N VAL A 241 11.13 -24.05 -3.03
CA VAL A 241 12.30 -23.12 -3.04
C VAL A 241 13.34 -23.66 -4.03
N GLY A 242 13.43 -23.03 -5.21
CA GLY A 242 14.38 -23.34 -6.29
C GLY A 242 15.81 -23.10 -5.86
N SER A 243 16.78 -23.59 -6.64
CA SER A 243 18.23 -23.50 -6.31
C SER A 243 18.64 -22.04 -6.21
N ALA A 244 17.97 -21.19 -6.99
CA ALA A 244 18.26 -19.74 -7.11
C ALA A 244 17.45 -18.94 -6.08
N GLN A 245 16.67 -19.61 -5.24
CA GLN A 245 15.74 -18.96 -4.29
C GLN A 245 16.27 -19.16 -2.87
N SER A 246 15.77 -18.35 -1.95
CA SER A 246 16.18 -18.27 -0.52
C SER A 246 15.01 -17.70 0.28
N ILE A 247 14.73 -18.30 1.45
CA ILE A 247 13.63 -17.91 2.36
C ILE A 247 14.13 -17.87 3.81
N THR A 248 13.33 -17.21 4.64
CA THR A 248 13.31 -17.25 6.12
C THR A 248 12.07 -18.06 6.53
N ALA A 249 12.25 -19.34 6.84
CA ALA A 249 11.16 -20.31 7.03
C ALA A 249 10.32 -19.94 8.27
N ASP A 250 10.89 -19.17 9.22
CA ASP A 250 10.20 -18.76 10.47
C ASP A 250 8.89 -18.02 10.14
N GLU A 251 8.79 -17.42 8.95
CA GLU A 251 7.62 -16.59 8.57
C GLU A 251 6.84 -17.29 7.47
N ALA A 252 7.10 -18.59 7.29
CA ALA A 252 6.48 -19.46 6.27
C ALA A 252 5.02 -19.76 6.66
N TYR A 253 4.16 -19.90 5.65
CA TYR A 253 2.75 -20.31 5.83
C TYR A 253 2.33 -21.03 4.53
N THR A 254 1.28 -21.83 4.62
CA THR A 254 0.57 -22.41 3.44
C THR A 254 -0.93 -22.14 3.61
N ILE A 255 -1.64 -21.94 2.49
CA ILE A 255 -3.13 -21.82 2.44
C ILE A 255 -3.60 -22.79 1.38
N VAL A 256 -4.49 -23.71 1.76
CA VAL A 256 -5.21 -24.60 0.82
C VAL A 256 -6.70 -24.37 1.06
N SER A 257 -7.42 -23.86 0.07
CA SER A 257 -8.87 -23.57 0.16
C SER A 257 -9.63 -24.29 -0.96
N ASP A 258 -10.91 -24.51 -0.68
CA ASP A 258 -11.92 -25.11 -1.60
C ASP A 258 -13.27 -24.64 -1.08
N ALA A 259 -14.38 -25.20 -1.57
CA ALA A 259 -15.75 -24.66 -1.37
C ALA A 259 -16.20 -24.86 0.08
N ASP A 260 -15.56 -25.79 0.79
CA ASP A 260 -15.97 -26.26 2.14
C ASP A 260 -15.03 -25.77 3.25
N SER A 261 -13.80 -25.35 2.92
CA SER A 261 -12.70 -25.23 3.91
C SER A 261 -11.64 -24.24 3.45
N VAL A 262 -11.06 -23.54 4.42
CA VAL A 262 -9.79 -22.77 4.25
C VAL A 262 -8.82 -23.31 5.29
N THR A 263 -7.72 -23.93 4.85
CA THR A 263 -6.73 -24.57 5.76
C THR A 263 -5.44 -23.72 5.79
N VAL A 264 -5.17 -23.08 6.91
CA VAL A 264 -3.92 -22.28 7.09
C VAL A 264 -2.97 -23.06 7.98
N LYS A 265 -1.73 -23.27 7.53
CA LYS A 265 -0.58 -23.70 8.36
C LYS A 265 0.42 -22.55 8.42
N ALA A 266 0.92 -22.24 9.62
CA ALA A 266 1.86 -21.12 9.92
C ALA A 266 3.03 -21.63 10.76
N ARG A 267 4.26 -21.36 10.35
CA ARG A 267 5.49 -21.75 11.10
C ARG A 267 5.53 -21.03 12.46
N SER A 268 4.83 -19.91 12.61
CA SER A 268 4.92 -19.01 13.78
C SER A 268 3.63 -18.20 13.92
N ALA A 269 3.41 -17.55 15.07
CA ALA A 269 2.26 -16.65 15.27
C ALA A 269 2.33 -15.51 14.24
N THR A 270 3.55 -15.13 13.84
CA THR A 270 3.83 -14.03 12.88
C THR A 270 3.27 -14.42 11.49
N ALA A 271 3.60 -15.63 11.04
CA ALA A 271 3.20 -16.17 9.72
C ALA A 271 1.67 -16.35 9.68
N GLY A 272 1.05 -16.59 10.83
CA GLY A 272 -0.43 -16.65 10.93
C GLY A 272 -1.03 -15.34 10.44
N ILE A 273 -0.49 -14.23 10.93
CA ILE A 273 -0.87 -12.84 10.52
C ILE A 273 -0.57 -12.66 9.03
N TRP A 274 0.58 -13.11 8.53
CA TRP A 274 0.88 -13.04 7.08
C TRP A 274 -0.22 -13.77 6.30
N ALA A 275 -0.56 -14.99 6.70
CA ALA A 275 -1.60 -15.82 6.07
C ALA A 275 -2.93 -15.05 6.07
N ALA A 276 -3.28 -14.43 7.20
CA ALA A 276 -4.53 -13.64 7.37
C ALA A 276 -4.55 -12.50 6.35
N GLN A 277 -3.41 -11.82 6.18
CA GLN A 277 -3.30 -10.64 5.29
C GLN A 277 -3.43 -11.12 3.85
N THR A 278 -2.85 -12.26 3.50
CA THR A 278 -3.06 -12.89 2.17
C THR A 278 -4.56 -13.19 1.95
N LEU A 279 -5.24 -13.79 2.91
CA LEU A 279 -6.70 -14.10 2.80
C LEU A 279 -7.48 -12.79 2.54
N LEU A 280 -7.20 -11.74 3.29
CA LEU A 280 -7.85 -10.41 3.15
C LEU A 280 -7.64 -9.82 1.75
N GLN A 281 -6.41 -9.81 1.22
CA GLN A 281 -6.13 -9.46 -0.21
C GLN A 281 -6.98 -10.33 -1.16
N LEU A 282 -7.02 -11.65 -0.96
CA LEU A 282 -7.78 -12.57 -1.84
C LEU A 282 -9.26 -12.21 -1.84
N ILE A 283 -9.82 -11.89 -0.68
CA ILE A 283 -11.26 -11.52 -0.58
C ILE A 283 -11.53 -10.27 -1.44
N GLY A 284 -10.62 -9.31 -1.41
CA GLY A 284 -10.68 -8.17 -2.34
C GLY A 284 -10.32 -6.86 -1.65
N PRO A 285 -10.26 -5.75 -2.42
CA PRO A 285 -9.84 -4.46 -1.88
C PRO A 285 -11.00 -3.63 -1.27
N TRP A 286 -12.08 -4.29 -0.83
CA TRP A 286 -13.23 -3.65 -0.14
C TRP A 286 -13.35 -4.11 1.32
N THR A 287 -12.48 -5.02 1.79
CA THR A 287 -12.54 -5.62 3.16
C THR A 287 -12.40 -4.57 4.27
N ASN A 288 -11.77 -3.41 3.99
CA ASN A 288 -11.63 -2.27 4.93
C ASN A 288 -12.74 -1.25 4.69
N SER A 289 -13.81 -1.61 3.96
CA SER A 289 -14.98 -0.69 3.79
C SER A 289 -15.50 -0.26 5.17
N THR A 290 -15.86 1.01 5.36
CA THR A 290 -16.43 1.50 6.65
C THR A 290 -17.95 1.28 6.67
N VAL A 291 -18.55 0.77 5.59
CA VAL A 291 -20.01 0.43 5.57
C VAL A 291 -20.15 -1.04 5.13
N LYS A 292 -21.13 -1.73 5.71
CA LYS A 292 -21.49 -3.15 5.36
C LYS A 292 -21.86 -3.19 3.87
N LEU A 293 -21.13 -3.96 3.07
CA LEU A 293 -21.37 -4.13 1.61
C LEU A 293 -22.47 -5.20 1.39
N ALA A 294 -23.15 -5.20 0.23
CA ALA A 294 -24.29 -6.11 -0.09
C ALA A 294 -23.80 -7.45 -0.67
N ASP A 295 -22.70 -7.43 -1.45
CA ASP A 295 -22.08 -8.65 -2.04
C ASP A 295 -21.46 -9.49 -0.94
N VAL A 296 -21.50 -10.81 -1.10
CA VAL A 296 -20.85 -11.77 -0.17
C VAL A 296 -19.34 -11.81 -0.45
N ALA A 297 -18.57 -12.07 0.60
CA ALA A 297 -17.10 -12.24 0.53
C ALA A 297 -16.83 -13.69 0.13
N PHE A 298 -15.87 -13.89 -0.75
CA PHE A 298 -15.38 -15.21 -1.18
C PHE A 298 -13.88 -15.26 -0.94
N ILE A 299 -13.39 -16.41 -0.51
CA ILE A 299 -11.95 -16.76 -0.63
C ILE A 299 -11.88 -17.76 -1.78
N PRO A 300 -11.14 -17.44 -2.87
CA PRO A 300 -11.02 -18.35 -4.01
C PRO A 300 -10.36 -19.64 -3.54
N ALA A 301 -10.62 -20.73 -4.25
CA ALA A 301 -9.98 -22.05 -4.02
C ALA A 301 -8.56 -21.93 -4.53
N VAL A 302 -7.56 -22.09 -3.66
CA VAL A 302 -6.16 -21.80 -4.07
C VAL A 302 -5.25 -22.73 -3.30
N ASN A 303 -3.99 -22.78 -3.77
CA ASN A 303 -2.90 -23.54 -3.13
C ASN A 303 -1.71 -22.60 -2.99
N ILE A 304 -1.45 -22.15 -1.77
CA ILE A 304 -0.34 -21.19 -1.48
C ILE A 304 0.66 -21.83 -0.52
N ALA A 305 1.93 -21.67 -0.85
CA ALA A 305 3.08 -21.91 0.03
C ALA A 305 4.02 -20.70 -0.08
N ASP A 306 4.17 -19.98 1.05
CA ASP A 306 4.81 -18.64 1.02
C ASP A 306 5.76 -18.46 2.20
N ALA A 307 6.79 -17.67 1.98
CA ALA A 307 7.78 -17.25 2.99
C ALA A 307 8.56 -16.10 2.34
N PRO A 308 9.15 -15.23 3.18
CA PRO A 308 9.84 -14.02 2.71
C PRO A 308 11.30 -14.31 2.38
N ARG A 309 11.85 -13.65 1.37
CA ARG A 309 13.29 -13.78 1.06
C ARG A 309 14.10 -13.36 2.28
N TYR A 310 13.80 -12.17 2.81
CA TYR A 310 14.56 -11.43 3.85
C TYR A 310 13.82 -11.49 5.18
N GLN A 311 14.56 -11.59 6.29
CA GLN A 311 13.95 -11.70 7.64
C GLN A 311 13.62 -10.30 8.18
N TRP A 312 14.34 -9.26 7.72
CA TRP A 312 14.20 -7.85 8.18
C TRP A 312 13.52 -6.99 7.10
N ARG A 313 12.27 -6.59 7.37
CA ARG A 313 11.38 -5.89 6.41
C ARG A 313 10.67 -4.74 7.12
N GLY A 314 11.30 -3.56 7.15
CA GLY A 314 10.94 -2.55 8.15
C GLY A 314 10.62 -1.17 7.61
N VAL A 315 10.16 -0.28 8.49
CA VAL A 315 10.06 1.18 8.22
C VAL A 315 10.70 1.91 9.39
N LEU A 316 11.58 2.84 9.10
CA LEU A 316 12.07 3.78 10.12
C LEU A 316 11.01 4.89 10.18
N VAL A 317 10.46 5.19 11.34
CA VAL A 317 9.58 6.38 11.47
C VAL A 317 10.28 7.35 12.40
N ASP A 318 10.28 8.63 12.02
CA ASP A 318 11.01 9.72 12.72
C ASP A 318 10.00 10.70 13.32
N PRO A 319 9.54 10.49 14.58
CA PRO A 319 8.68 11.45 15.26
C PRO A 319 9.54 12.55 15.88
N ALA A 320 10.88 12.37 15.91
CA ALA A 320 11.83 13.27 16.58
C ALA A 320 11.75 14.66 15.92
N ARG A 321 11.87 14.74 14.60
CA ARG A 321 11.69 16.03 13.86
C ARG A 321 10.24 16.55 14.04
N SER A 322 9.24 15.67 14.05
CA SER A 322 7.82 16.08 14.20
C SER A 322 7.02 14.89 14.71
N PHE A 323 6.44 15.05 15.90
CA PHE A 323 5.76 13.98 16.67
C PHE A 323 4.62 13.45 15.81
N TYR A 324 4.34 12.15 15.97
CA TYR A 324 3.14 11.47 15.42
C TYR A 324 2.35 10.95 16.62
N PRO A 325 1.13 11.43 16.87
CA PRO A 325 0.27 10.84 17.90
C PRO A 325 0.07 9.33 17.71
N LEU A 326 -0.29 8.61 18.79
CA LEU A 326 -0.44 7.13 18.80
C LEU A 326 -1.41 6.64 17.71
N ASP A 327 -2.57 7.28 17.55
CA ASP A 327 -3.63 6.85 16.58
C ASP A 327 -3.04 6.87 15.15
N GLU A 328 -2.14 7.79 14.83
CA GLU A 328 -1.51 7.87 13.49
C GLU A 328 -0.49 6.73 13.38
N MET A 329 0.30 6.48 14.43
CA MET A 329 1.29 5.37 14.44
C MET A 329 0.55 4.04 14.17
N LYS A 330 -0.63 3.83 14.78
CA LYS A 330 -1.48 2.65 14.52
C LYS A 330 -1.87 2.58 13.04
N GLN A 331 -2.13 3.73 12.41
CA GLN A 331 -2.63 3.74 11.01
C GLN A 331 -1.48 3.34 10.07
N MET A 332 -0.24 3.69 10.39
CA MET A 332 0.94 3.25 9.62
C MET A 332 1.14 1.73 9.82
N ILE A 333 1.05 1.26 11.07
CA ILE A 333 1.21 -0.18 11.43
C ILE A 333 0.25 -1.05 10.60
N ASP A 334 -1.00 -0.63 10.47
CA ASP A 334 -2.06 -1.40 9.75
C ASP A 334 -1.58 -1.70 8.32
N VAL A 335 -1.10 -0.67 7.61
CA VAL A 335 -0.64 -0.77 6.20
C VAL A 335 0.73 -1.46 6.12
N MET A 336 1.62 -1.30 7.11
CA MET A 336 2.90 -2.06 7.15
C MET A 336 2.61 -3.57 7.21
N SER A 337 1.70 -3.96 8.09
CA SER A 337 1.24 -5.35 8.31
C SER A 337 0.55 -5.92 7.05
N ALA A 338 -0.33 -5.15 6.45
CA ALA A 338 -1.07 -5.53 5.24
C ALA A 338 -0.09 -5.95 4.14
N TYR A 339 1.15 -5.44 4.13
CA TYR A 339 2.17 -5.79 3.11
C TYR A 339 3.33 -6.59 3.74
N LYS A 340 3.04 -7.17 4.92
CA LYS A 340 3.89 -8.19 5.59
C LYS A 340 5.24 -7.57 5.96
N MET A 341 5.25 -6.28 6.29
CA MET A 341 6.41 -5.62 6.96
C MET A 341 6.40 -6.08 8.43
N ASN A 342 7.58 -6.38 8.99
CA ASN A 342 7.70 -7.01 10.33
C ASN A 342 8.61 -6.20 11.28
N THR A 343 8.93 -4.97 10.96
CA THR A 343 9.85 -4.14 11.77
C THR A 343 9.41 -2.67 11.75
N LEU A 344 9.20 -2.08 12.93
CA LEU A 344 8.96 -0.62 13.09
C LEU A 344 10.16 -0.02 13.83
N HIS A 345 11.01 0.70 13.11
CA HIS A 345 12.29 1.31 13.59
C HIS A 345 11.96 2.73 14.05
N LEU A 346 12.03 2.97 15.35
CA LEU A 346 11.61 4.28 15.91
C LEU A 346 12.89 5.09 16.17
N HIS A 347 13.11 6.11 15.34
CA HIS A 347 14.15 7.14 15.52
C HIS A 347 13.61 8.14 16.56
N LEU A 348 13.77 7.84 17.85
CA LEU A 348 13.08 8.47 19.00
C LEU A 348 13.69 9.81 19.43
N SER A 349 14.95 10.05 19.09
CA SER A 349 15.74 11.20 19.61
C SER A 349 16.51 11.81 18.46
N GLU A 350 16.63 13.13 18.46
CA GLU A 350 17.36 13.86 17.40
C GLU A 350 17.92 15.17 17.95
N ASP A 351 18.50 15.99 17.08
CA ASP A 351 18.82 17.40 17.39
C ASP A 351 17.54 18.16 17.74
N GLU A 352 16.39 17.78 17.20
CA GLU A 352 15.17 18.61 17.32
C GLU A 352 14.08 17.95 18.19
N GLY A 353 14.36 16.90 18.96
CA GLY A 353 13.30 16.33 19.83
C GLY A 353 13.66 14.98 20.44
N PHE A 354 13.01 14.67 21.57
CA PHE A 354 12.89 13.34 22.25
C PHE A 354 11.40 13.00 22.40
N ARG A 355 10.97 11.80 22.00
CA ARG A 355 9.53 11.54 21.80
C ARG A 355 8.98 10.45 22.73
N VAL A 356 9.68 10.09 23.79
CA VAL A 356 9.12 9.09 24.75
C VAL A 356 9.51 9.46 26.17
N GLU A 357 8.56 9.31 27.09
CA GLU A 357 8.75 9.57 28.54
C GLU A 357 9.79 8.58 29.08
N ILE A 358 10.81 9.07 29.79
CA ILE A 358 11.76 8.22 30.55
C ILE A 358 11.61 8.60 32.03
N THR A 359 11.21 7.66 32.89
CA THR A 359 10.98 7.92 34.34
C THR A 359 12.27 7.69 35.13
N ASN A 360 12.22 8.04 36.42
CA ASN A 360 13.30 7.82 37.41
C ASN A 360 13.09 6.50 38.16
N ASP A 361 12.19 5.59 37.73
CA ASP A 361 12.08 4.23 38.33
C ASP A 361 13.28 3.39 37.84
N GLY A 362 13.98 2.74 38.77
CA GLY A 362 14.87 1.60 38.50
C GLY A 362 16.19 2.03 37.91
N ARG A 363 16.63 3.22 38.29
CA ARG A 363 17.98 3.76 37.99
C ARG A 363 19.00 2.91 38.76
N ALA A 364 20.22 2.83 38.24
CA ALA A 364 21.39 2.24 38.92
C ALA A 364 21.58 2.91 40.28
N ASP A 365 22.08 2.16 41.25
CA ASP A 365 22.61 2.70 42.53
C ASP A 365 23.54 3.85 42.16
N GLY A 366 23.40 5.01 42.82
CA GLY A 366 24.27 6.19 42.67
C GLY A 366 23.82 7.15 41.56
N ASP A 367 22.80 6.80 40.79
CA ASP A 367 22.36 7.60 39.61
C ASP A 367 21.16 8.48 40.03
N THR A 368 21.42 9.78 40.18
CA THR A 368 20.44 10.80 40.63
C THR A 368 20.05 11.71 39.44
N THR A 369 20.47 11.36 38.21
CA THR A 369 19.99 12.06 36.98
C THR A 369 18.46 12.17 37.05
N ASP A 370 17.89 13.33 36.76
CA ASP A 370 16.41 13.47 36.63
C ASP A 370 16.00 13.26 35.17
N TYR A 371 15.65 12.02 34.79
CA TYR A 371 15.30 11.61 33.41
C TYR A 371 13.94 12.17 32.97
N THR A 372 13.08 12.63 33.89
CA THR A 372 11.71 13.11 33.56
C THR A 372 11.80 14.37 32.69
N GLN A 373 12.92 15.08 32.76
CA GLN A 373 13.18 16.36 32.06
C GLN A 373 13.50 16.12 30.59
N LEU A 374 13.94 14.92 30.24
CA LEU A 374 14.19 14.52 28.83
C LEU A 374 12.92 14.85 28.01
N ALA A 375 11.80 14.18 28.32
CA ALA A 375 10.49 14.37 27.63
C ALA A 375 9.99 15.78 27.89
N ILE A 376 10.08 16.26 29.13
CA ILE A 376 9.49 17.57 29.56
C ILE A 376 10.17 18.69 28.76
N LYS A 377 11.50 18.70 28.71
CA LYS A 377 12.29 19.78 28.05
C LYS A 377 12.38 19.52 26.56
N SER A 378 12.71 18.31 26.11
CA SER A 378 13.03 18.03 24.68
C SER A 378 11.82 17.49 23.91
N GLY A 379 10.75 17.08 24.59
CA GLY A 379 9.44 16.83 23.96
C GLY A 379 8.79 18.11 23.47
N ALA A 380 9.16 19.25 24.01
CA ALA A 380 8.48 20.52 23.69
C ALA A 380 9.30 21.29 22.64
N ILE A 381 10.30 20.67 22.03
CA ILE A 381 11.00 21.29 20.87
C ILE A 381 10.61 20.48 19.63
N SER A 382 10.94 20.98 18.43
CA SER A 382 10.66 20.31 17.14
C SER A 382 11.45 21.00 16.03
N TYR A 383 11.49 20.38 14.85
CA TYR A 383 12.06 20.95 13.60
C TYR A 383 11.48 22.35 13.39
N GLN A 384 12.36 23.31 13.05
CA GLN A 384 12.03 24.77 12.98
C GLN A 384 12.02 25.18 11.51
N SER A 385 10.82 25.49 11.00
CA SER A 385 10.56 26.09 9.66
C SER A 385 11.58 27.21 9.36
N ALA A 386 11.75 28.17 10.26
CA ALA A 386 12.62 29.37 10.06
C ALA A 386 14.08 28.98 9.74
N TRP A 387 14.57 27.86 10.27
CA TRP A 387 15.95 27.35 10.00
C TRP A 387 15.99 26.62 8.66
N THR A 388 14.94 26.75 7.85
CA THR A 388 14.93 26.40 6.41
C THR A 388 14.51 27.66 5.63
N SER A 389 15.11 27.87 4.45
CA SER A 389 14.77 29.00 3.52
C SER A 389 14.25 28.43 2.19
N ASN A 390 13.46 27.36 2.27
CA ASN A 390 13.08 26.54 1.09
C ASN A 390 11.55 26.38 1.03
N TRP A 391 11.09 25.21 0.58
CA TRP A 391 9.69 24.85 0.24
C TRP A 391 9.01 24.22 1.46
N SER A 392 9.73 24.09 2.57
CA SER A 392 9.30 23.31 3.76
C SER A 392 8.10 24.03 4.38
N PRO A 393 7.11 23.27 4.90
CA PRO A 393 5.92 23.92 5.50
C PRO A 393 6.28 25.10 6.40
N ALA A 394 5.41 26.12 6.43
CA ALA A 394 5.57 27.31 7.30
C ALA A 394 5.55 26.87 8.77
N GLN A 395 4.76 25.86 9.12
CA GLN A 395 4.59 25.31 10.49
C GLN A 395 5.88 24.61 10.95
N ASP A 396 6.26 24.76 12.22
CA ASP A 396 7.30 23.94 12.89
C ASP A 396 6.77 22.52 13.07
N GLY A 397 7.69 21.59 13.38
CA GLY A 397 7.36 20.21 13.76
C GLY A 397 6.32 20.16 14.86
N ARG A 398 5.52 19.11 14.85
CA ARG A 398 4.60 18.79 15.96
C ARG A 398 5.41 18.44 17.23
N THR A 399 5.07 19.06 18.35
CA THR A 399 5.76 18.85 19.65
C THR A 399 4.99 17.74 20.37
N GLY A 400 5.58 17.23 21.45
CA GLY A 400 4.96 16.19 22.28
C GLY A 400 5.79 14.94 22.32
N TYR A 401 5.28 13.96 23.06
CA TYR A 401 5.98 12.67 23.30
C TYR A 401 4.91 11.67 23.66
N TRP A 402 5.16 10.38 23.42
CA TRP A 402 4.29 9.31 23.91
C TRP A 402 4.61 9.12 25.39
N THR A 403 3.59 9.14 26.27
CA THR A 403 3.75 8.72 27.67
C THR A 403 4.13 7.24 27.65
N GLN A 404 4.70 6.74 28.76
CA GLN A 404 5.02 5.30 28.95
C GLN A 404 3.79 4.44 28.60
N SER A 405 2.59 4.76 29.09
CA SER A 405 1.35 3.98 28.79
C SER A 405 1.14 3.86 27.28
N GLU A 406 1.11 5.00 26.56
CA GLU A 406 0.92 5.08 25.09
C GLU A 406 2.03 4.27 24.39
N PHE A 407 3.29 4.42 24.80
CA PHE A 407 4.42 3.71 24.12
C PHE A 407 4.21 2.20 24.23
N ILE A 408 3.80 1.72 25.41
CA ILE A 408 3.43 0.28 25.67
C ILE A 408 2.29 -0.12 24.73
N GLU A 409 1.26 0.72 24.60
CA GLU A 409 0.09 0.44 23.74
C GLU A 409 0.58 0.41 22.28
N LEU A 410 1.52 1.30 21.95
CA LEU A 410 2.18 1.34 20.61
C LEU A 410 2.81 -0.03 20.34
N VAL A 411 3.49 -0.60 21.35
CA VAL A 411 4.25 -1.88 21.23
C VAL A 411 3.24 -3.01 21.07
N ALA A 412 2.19 -3.03 21.90
CA ALA A 412 1.13 -4.06 21.89
C ALA A 412 0.44 -4.06 20.51
N TYR A 413 0.10 -2.90 19.99
CA TYR A 413 -0.59 -2.77 18.69
C TYR A 413 0.34 -3.28 17.59
N ALA A 414 1.61 -2.82 17.55
CA ALA A 414 2.61 -3.33 16.58
C ALA A 414 2.64 -4.86 16.62
N ALA A 415 2.85 -5.46 17.79
CA ALA A 415 2.96 -6.91 18.03
C ALA A 415 1.72 -7.63 17.46
N ASP A 416 0.52 -7.15 17.77
CA ASP A 416 -0.75 -7.75 17.29
C ASP A 416 -0.89 -7.65 15.76
N HIS A 417 0.01 -6.92 15.08
CA HIS A 417 0.13 -6.85 13.60
C HIS A 417 1.45 -7.49 13.09
N GLY A 418 2.16 -8.21 13.96
CA GLY A 418 3.36 -8.98 13.59
C GLY A 418 4.57 -8.09 13.37
N ILE A 419 4.56 -6.88 13.91
CA ILE A 419 5.65 -5.89 13.70
C ILE A 419 6.41 -5.73 15.01
N ALA A 420 7.73 -5.96 15.03
CA ALA A 420 8.55 -5.74 16.23
C ALA A 420 9.05 -4.29 16.23
N ILE A 421 9.25 -3.73 17.43
CA ILE A 421 9.80 -2.38 17.62
C ILE A 421 11.33 -2.51 17.68
N VAL A 422 12.04 -1.64 16.98
CA VAL A 422 13.52 -1.45 17.13
C VAL A 422 13.74 0.01 17.49
N PRO A 423 14.16 0.31 18.74
CA PRO A 423 14.44 1.68 19.16
C PRO A 423 15.78 2.20 18.65
N GLU A 424 15.82 3.46 18.23
CA GLU A 424 17.10 4.15 17.97
C GLU A 424 17.24 5.34 18.90
N ILE A 425 18.31 5.38 19.68
CA ILE A 425 18.74 6.59 20.43
C ILE A 425 20.06 7.03 19.80
N ASP A 426 19.96 7.96 18.86
CA ASP A 426 21.09 8.28 17.96
C ASP A 426 22.15 9.00 18.80
N GLY A 427 23.38 8.50 18.72
CA GLY A 427 24.59 9.17 19.24
C GLY A 427 25.83 8.73 18.48
N PRO A 428 26.99 9.42 18.63
CA PRO A 428 27.12 10.55 19.55
C PRO A 428 26.63 11.89 18.98
N GLY A 429 26.40 11.95 17.67
CA GLY A 429 25.81 13.11 16.95
C GLY A 429 24.29 13.01 16.96
N HIS A 430 23.58 13.91 16.28
CA HIS A 430 22.09 13.92 16.20
C HIS A 430 21.51 13.67 17.60
N SER A 431 22.14 14.24 18.61
CA SER A 431 21.92 13.94 20.05
C SER A 431 21.51 15.19 20.81
N PHE A 432 21.20 16.31 20.15
CA PHE A 432 21.04 17.62 20.83
C PHE A 432 19.85 17.58 21.81
N SER A 433 18.81 16.80 21.52
CA SER A 433 17.63 16.66 22.42
C SER A 433 18.09 16.13 23.77
N LEU A 434 19.11 15.25 23.79
CA LEU A 434 19.62 14.64 25.05
C LEU A 434 20.35 15.71 25.86
N LEU A 435 21.21 16.51 25.22
CA LEU A 435 21.95 17.62 25.90
C LEU A 435 20.94 18.70 26.35
N HIS A 436 19.96 19.09 25.54
CA HIS A 436 18.94 20.10 25.92
C HIS A 436 18.07 19.54 27.04
N GLY A 437 17.88 18.23 27.11
CA GLY A 437 16.90 17.62 28.04
C GLY A 437 17.47 17.39 29.42
N LEU A 438 18.72 16.93 29.51
CA LEU A 438 19.37 16.51 30.79
C LEU A 438 20.60 17.38 31.06
N ALA A 439 20.54 18.26 32.07
CA ALA A 439 21.66 19.08 32.58
C ALA A 439 22.86 18.14 32.84
N GLU A 440 22.61 16.96 33.40
CA GLU A 440 23.68 16.02 33.84
C GLU A 440 24.54 15.62 32.64
N LEU A 441 23.99 15.62 31.42
CA LEU A 441 24.74 15.11 30.24
C LEU A 441 25.75 16.18 29.80
N ASN A 442 25.56 17.43 30.22
CA ASN A 442 26.41 18.55 29.77
C ASN A 442 27.66 18.56 30.66
N THR A 443 28.73 17.95 30.16
CA THR A 443 29.97 17.63 30.89
C THR A 443 31.01 17.17 29.87
N GLY A 444 32.25 16.93 30.30
CA GLY A 444 33.33 16.36 29.46
C GLY A 444 33.51 17.11 28.16
N ASN A 445 33.52 16.38 27.03
CA ASN A 445 33.77 16.92 25.66
C ASN A 445 32.44 17.11 24.91
N SER A 446 31.29 17.12 25.59
CA SER A 446 29.97 17.44 24.99
C SER A 446 30.04 18.76 24.21
N ASN A 447 29.28 18.86 23.12
CA ASN A 447 29.20 20.05 22.23
C ASN A 447 27.77 20.25 21.75
N PRO A 448 27.24 21.50 21.62
CA PRO A 448 27.83 22.70 22.22
C PRO A 448 27.66 22.74 23.74
N LYS A 449 28.39 23.64 24.40
CA LYS A 449 28.31 23.87 25.86
C LYS A 449 27.12 24.79 26.15
N PRO A 450 26.44 24.62 27.30
CA PRO A 450 25.51 25.64 27.77
C PRO A 450 26.25 26.98 27.93
N ALA A 451 25.54 28.08 27.69
CA ALA A 451 25.92 29.46 28.06
C ALA A 451 26.23 29.52 29.57
N ALA A 452 27.06 30.47 29.98
CA ALA A 452 27.46 30.72 31.40
C ALA A 452 26.27 30.53 32.35
N GLY A 453 26.31 29.49 33.20
CA GLY A 453 25.38 29.32 34.34
C GLY A 453 24.03 28.77 33.91
N GLU A 454 23.87 28.43 32.62
CA GLU A 454 22.69 27.68 32.10
C GLU A 454 23.00 26.19 32.27
N ASP A 455 22.10 25.40 32.87
CA ASP A 455 22.37 23.97 33.12
C ASP A 455 22.14 23.13 31.84
N THR A 456 21.46 23.64 30.80
CA THR A 456 21.24 22.97 29.48
C THR A 456 21.51 23.96 28.36
N PRO A 457 22.07 23.53 27.21
CA PRO A 457 22.33 24.45 26.10
C PRO A 457 21.04 24.77 25.37
N ALA A 458 20.99 25.95 24.76
CA ALA A 458 19.79 26.57 24.18
C ALA A 458 19.48 25.89 22.85
N PHE A 459 18.19 25.73 22.56
CA PHE A 459 17.69 25.22 21.26
C PHE A 459 17.73 26.39 20.27
N ILE A 460 18.89 26.54 19.65
CA ILE A 460 19.14 27.57 18.61
C ILE A 460 19.72 26.88 17.38
N GLN A 461 19.59 27.56 16.24
CA GLN A 461 20.08 27.07 14.92
C GLN A 461 21.52 26.56 15.02
N SER A 462 22.40 27.24 15.76
CA SER A 462 23.86 26.96 15.79
C SER A 462 24.15 25.57 16.39
N ALA A 463 23.22 25.02 17.16
CA ALA A 463 23.32 23.66 17.77
C ALA A 463 23.17 22.56 16.70
N GLN A 464 22.38 22.79 15.66
CA GLN A 464 21.97 21.73 14.69
C GLN A 464 23.20 21.26 13.89
N GLY A 465 23.50 19.95 13.96
CA GLY A 465 24.59 19.32 13.18
C GLY A 465 25.95 19.49 13.84
N ARG A 466 25.99 19.98 15.07
CA ARG A 466 27.24 20.19 15.85
C ARG A 466 27.17 19.46 17.20
N SER A 467 26.10 18.70 17.47
CA SER A 467 25.90 18.03 18.77
C SER A 467 26.93 16.90 18.93
N SER A 468 27.42 16.71 20.14
CA SER A 468 28.15 15.51 20.60
C SER A 468 27.85 15.30 22.07
N LEU A 469 27.44 14.09 22.42
CA LEU A 469 27.43 13.66 23.84
C LEU A 469 28.90 13.61 24.28
N ALA A 470 29.08 13.65 25.58
CA ALA A 470 30.38 13.56 26.25
C ALA A 470 30.81 12.11 26.13
N THR A 471 31.64 11.82 25.11
CA THR A 471 32.10 10.45 24.77
C THR A 471 33.06 9.96 25.84
N ASP A 472 33.56 10.88 26.68
CA ASP A 472 34.65 10.60 27.67
C ASP A 472 34.09 10.56 29.10
N ALA A 473 32.79 10.79 29.28
CA ALA A 473 32.15 10.92 30.61
C ALA A 473 31.30 9.67 30.90
N ASP A 474 31.48 9.12 32.10
CA ASP A 474 30.72 7.96 32.63
C ASP A 474 29.22 8.22 32.52
N ILE A 475 28.79 9.43 32.85
CA ILE A 475 27.33 9.77 33.01
C ILE A 475 26.59 9.51 31.69
N THR A 476 27.28 9.67 30.54
CA THR A 476 26.71 9.48 29.18
C THR A 476 26.21 8.04 29.10
N TYR A 477 27.08 7.08 29.43
CA TYR A 477 26.81 5.63 29.31
C TYR A 477 25.85 5.17 30.42
N THR A 478 25.84 5.81 31.59
CA THR A 478 24.88 5.54 32.71
C THR A 478 23.46 5.89 32.22
N VAL A 479 23.33 7.07 31.63
CA VAL A 479 22.07 7.66 31.08
C VAL A 479 21.59 6.81 29.89
N LEU A 480 22.46 6.54 28.92
CA LEU A 480 22.18 5.60 27.79
C LEU A 480 21.66 4.27 28.32
N GLY A 481 22.37 3.68 29.29
CA GLY A 481 22.04 2.40 29.93
C GLY A 481 20.64 2.41 30.54
N HIS A 482 20.24 3.53 31.12
CA HIS A 482 18.94 3.64 31.80
C HIS A 482 17.84 3.77 30.74
N ILE A 483 18.13 4.51 29.66
CA ILE A 483 17.15 4.67 28.55
C ILE A 483 16.90 3.30 27.90
N MET A 484 17.94 2.49 27.73
CA MET A 484 17.83 1.15 27.08
C MET A 484 16.97 0.22 27.94
N ASP A 485 17.16 0.24 29.26
CA ASP A 485 16.40 -0.57 30.23
C ASP A 485 14.93 -0.15 30.20
N GLN A 486 14.63 1.14 30.20
CA GLN A 486 13.23 1.65 30.26
C GLN A 486 12.50 1.27 28.97
N LEU A 487 13.18 1.48 27.83
CA LEU A 487 12.69 1.03 26.50
C LEU A 487 12.43 -0.49 26.58
N ASP A 488 13.41 -1.27 27.04
CA ASP A 488 13.31 -2.73 27.28
C ASP A 488 12.07 -3.10 28.10
N GLY A 489 11.93 -2.53 29.30
CA GLY A 489 10.73 -2.70 30.15
C GLY A 489 9.43 -2.41 29.43
N MET A 490 9.31 -1.27 28.76
CA MET A 490 8.03 -0.86 28.09
C MET A 490 7.72 -1.81 26.93
N ILE A 491 8.73 -2.28 26.22
CA ILE A 491 8.56 -3.25 25.08
C ILE A 491 8.05 -4.61 25.58
N ASP A 492 8.58 -5.08 26.71
CA ASP A 492 8.21 -6.35 27.38
C ASP A 492 6.76 -6.24 27.85
N LYS A 493 6.36 -5.09 28.39
CA LYS A 493 4.98 -4.86 28.89
C LYS A 493 4.04 -4.82 27.68
N GLY A 494 4.49 -4.20 26.58
CA GLY A 494 3.79 -4.15 25.28
C GLY A 494 3.50 -5.51 24.68
N ILE A 495 4.52 -6.37 24.60
CA ILE A 495 4.39 -7.75 24.05
C ILE A 495 3.49 -8.59 24.96
N LYS A 496 3.73 -8.58 26.27
CA LYS A 496 2.92 -9.32 27.27
C LYS A 496 1.43 -9.06 26.96
N ALA A 497 1.04 -7.77 26.87
CA ALA A 497 -0.33 -7.31 26.59
C ALA A 497 -0.77 -7.79 25.20
N SER A 498 0.15 -7.96 24.26
CA SER A 498 -0.22 -8.39 22.89
C SER A 498 -0.69 -9.85 22.84
N THR A 499 -0.21 -10.71 23.73
CA THR A 499 -0.44 -12.19 23.71
C THR A 499 0.40 -12.84 22.60
N MET A 500 1.05 -12.06 21.73
CA MET A 500 2.03 -12.62 20.77
C MET A 500 3.24 -13.06 21.59
N PRO A 501 3.95 -14.11 21.14
CA PRO A 501 5.08 -14.62 21.90
C PRO A 501 6.24 -13.60 21.88
N ALA A 502 6.84 -13.33 23.04
CA ALA A 502 8.10 -12.58 23.15
C ALA A 502 9.18 -13.22 22.25
N SER A 503 9.13 -14.51 21.92
CA SER A 503 10.23 -15.23 21.21
C SER A 503 10.31 -14.81 19.74
N GLU A 504 9.21 -14.30 19.16
CA GLU A 504 9.15 -13.76 17.77
C GLU A 504 9.22 -12.22 17.78
N LEU A 505 8.52 -11.57 18.71
CA LEU A 505 8.24 -10.10 18.70
C LEU A 505 9.31 -9.31 19.47
N LYS A 506 10.08 -9.92 20.38
CA LYS A 506 11.11 -9.15 21.14
C LYS A 506 12.39 -9.15 20.32
N ARG A 507 12.58 -8.10 19.51
CA ARG A 507 13.72 -7.98 18.57
C ARG A 507 14.94 -7.56 19.39
N MET A 508 15.93 -8.43 19.45
CA MET A 508 17.10 -8.32 20.37
C MET A 508 18.22 -7.55 19.64
N TYR A 509 17.87 -6.34 19.23
CA TYR A 509 18.72 -5.39 18.51
C TYR A 509 18.50 -4.04 19.19
N PHE A 510 19.52 -3.21 19.26
CA PHE A 510 19.40 -1.78 19.66
C PHE A 510 20.21 -0.98 18.66
N HIS A 511 19.59 0.05 18.12
CA HIS A 511 20.17 0.93 17.09
C HIS A 511 20.83 2.13 17.79
N LEU A 512 22.15 2.24 17.70
CA LEU A 512 22.96 3.31 18.35
C LEU A 512 23.19 4.51 17.42
N GLY A 513 22.83 4.41 16.14
CA GLY A 513 22.96 5.52 15.17
C GLY A 513 24.40 5.65 14.70
N GLY A 514 25.07 6.70 15.17
CA GLY A 514 26.48 7.01 14.85
C GLY A 514 26.63 7.72 13.52
N ASP A 515 25.56 8.31 13.00
CA ASP A 515 25.59 9.00 11.67
C ASP A 515 25.96 10.48 11.85
N GLU A 516 26.71 11.00 10.87
CA GLU A 516 26.89 12.45 10.59
C GLU A 516 27.31 13.21 11.86
N LEU A 517 28.30 12.69 12.60
CA LEU A 517 28.87 13.43 13.76
C LEU A 517 29.48 14.70 13.17
N PHE A 518 29.02 15.86 13.63
CA PHE A 518 29.62 17.18 13.37
C PHE A 518 29.55 17.48 11.85
N LEU A 519 28.48 17.07 11.18
CA LEU A 519 28.27 17.31 9.73
C LEU A 519 28.23 18.83 9.44
N SER A 520 27.74 19.67 10.38
CA SER A 520 27.65 21.14 10.25
C SER A 520 28.82 21.87 10.96
N GLY A 521 29.79 21.13 11.53
CA GLY A 521 30.85 21.70 12.39
C GLY A 521 30.84 21.08 13.77
N GLY A 522 31.61 21.63 14.73
CA GLY A 522 31.77 21.06 16.09
C GLY A 522 33.17 21.24 16.66
N ALA A 523 33.61 20.35 17.56
CA ALA A 523 34.78 20.52 18.44
C ALA A 523 35.96 19.61 18.01
N GLY A 524 35.83 18.91 16.89
CA GLY A 524 36.91 18.07 16.31
C GLY A 524 37.04 16.73 17.03
N ASN A 525 38.01 15.92 16.59
CA ASN A 525 38.21 14.54 17.10
C ASN A 525 36.97 13.70 16.78
N LYS A 526 36.44 13.85 15.57
CA LYS A 526 35.25 13.12 15.10
C LYS A 526 35.51 11.62 15.22
N THR A 527 36.63 11.14 14.69
CA THR A 527 36.95 9.68 14.69
C THR A 527 37.14 9.19 16.14
N GLU A 528 37.88 9.92 16.96
CA GLU A 528 38.18 9.51 18.35
C GLU A 528 36.84 9.43 19.12
N ARG A 529 35.95 10.41 18.90
CA ARG A 529 34.62 10.51 19.54
C ARG A 529 33.81 9.25 19.18
N LEU A 530 33.72 8.91 17.89
CA LEU A 530 32.98 7.74 17.36
C LEU A 530 33.50 6.45 18.01
N GLN A 531 34.81 6.24 17.97
CA GLN A 531 35.41 4.94 18.34
C GLN A 531 35.15 4.67 19.82
N GLU A 532 35.34 5.68 20.66
CA GLU A 532 35.10 5.68 22.12
C GLU A 532 33.60 5.47 22.41
N TYR A 533 32.73 6.36 21.90
CA TYR A 533 31.27 6.31 22.13
C TYR A 533 30.68 4.98 21.68
N LEU A 534 30.90 4.57 20.42
CA LEU A 534 30.23 3.35 19.88
C LEU A 534 30.88 2.09 20.47
N GLY A 535 32.17 2.15 20.82
CA GLY A 535 32.83 1.11 21.65
C GLY A 535 32.06 0.86 22.93
N ARG A 536 31.94 1.89 23.79
CA ARG A 536 31.37 1.78 25.16
C ARG A 536 29.87 1.52 25.08
N SER A 537 29.19 2.23 24.16
CA SER A 537 27.74 2.07 23.90
C SER A 537 27.48 0.65 23.37
N GLY A 538 28.33 0.20 22.45
CA GLY A 538 28.31 -1.18 21.91
C GLY A 538 28.28 -2.20 23.02
N ALA A 539 29.15 -2.02 24.02
CA ALA A 539 29.23 -2.91 25.20
C ALA A 539 27.93 -2.85 26.02
N LEU A 540 27.24 -1.71 26.09
CA LEU A 540 25.96 -1.60 26.83
C LEU A 540 24.95 -2.53 26.17
N VAL A 541 24.99 -2.61 24.83
CA VAL A 541 24.03 -3.42 24.02
C VAL A 541 24.38 -4.90 24.23
N LYS A 542 25.67 -5.24 24.10
CA LYS A 542 26.15 -6.65 24.23
C LYS A 542 25.74 -7.18 25.61
N GLU A 543 25.94 -6.38 26.67
CA GLU A 543 25.63 -6.80 28.07
C GLU A 543 24.10 -6.95 28.24
N ARG A 544 23.28 -6.35 27.37
CA ARG A 544 21.80 -6.52 27.40
C ARG A 544 21.37 -7.64 26.44
N ASP A 545 22.31 -8.49 26.01
CA ASP A 545 22.06 -9.67 25.12
C ASP A 545 21.45 -9.20 23.79
N LYS A 546 21.85 -8.03 23.29
CA LYS A 546 21.37 -7.53 21.98
C LYS A 546 22.53 -7.36 21.01
N THR A 547 22.16 -7.34 19.73
CA THR A 547 23.03 -7.01 18.58
C THR A 547 22.91 -5.52 18.35
N THR A 548 24.07 -4.88 18.15
CA THR A 548 24.23 -3.44 17.84
C THR A 548 23.93 -3.20 16.36
N ILE A 549 23.22 -2.11 16.05
CA ILE A 549 23.05 -1.53 14.69
C ILE A 549 23.70 -0.13 14.70
N VAL A 550 24.49 0.21 13.67
CA VAL A 550 25.00 1.59 13.44
C VAL A 550 24.79 1.93 11.97
N TRP A 551 24.66 3.21 11.65
CA TRP A 551 24.60 3.68 10.24
C TRP A 551 25.99 3.45 9.61
N ASN A 552 26.11 3.28 8.29
CA ASN A 552 27.42 2.94 7.67
C ASN A 552 28.46 4.04 7.95
N ASP A 553 28.04 5.31 8.00
CA ASP A 553 28.97 6.45 8.22
C ASP A 553 29.44 6.45 9.69
N GLY A 554 29.06 5.49 10.52
CA GLY A 554 29.59 5.36 11.88
C GLY A 554 30.69 4.33 11.96
N LEU A 555 31.07 3.70 10.83
CA LEU A 555 31.98 2.52 10.84
C LEU A 555 33.45 2.95 10.89
N ASP A 556 33.73 4.22 11.15
CA ASP A 556 35.01 4.64 11.81
C ASP A 556 35.26 3.77 13.05
N ALA A 557 34.20 3.32 13.75
CA ALA A 557 34.28 2.45 14.95
C ALA A 557 34.03 0.98 14.59
N VAL A 558 34.34 0.56 13.37
CA VAL A 558 34.05 -0.82 12.94
C VAL A 558 34.78 -1.80 13.87
N ASP A 559 35.98 -1.46 14.36
CA ASP A 559 36.76 -2.40 15.21
C ASP A 559 36.30 -2.32 16.68
N GLN A 560 35.61 -1.25 17.06
CA GLN A 560 35.31 -0.97 18.50
C GLN A 560 33.96 -1.61 18.87
N ILE A 561 32.99 -1.62 17.95
CA ILE A 561 31.62 -2.17 18.21
C ILE A 561 31.75 -3.69 18.31
N PRO A 562 30.82 -4.41 18.98
CA PRO A 562 31.03 -5.83 19.22
C PRO A 562 31.07 -6.65 17.93
N GLU A 563 31.69 -7.82 18.02
CA GLU A 563 31.70 -8.86 16.99
C GLU A 563 30.24 -9.15 16.60
N GLY A 564 29.93 -9.24 15.31
CA GLY A 564 28.61 -9.66 14.81
C GLY A 564 27.58 -8.52 14.80
N SER A 565 28.03 -7.28 14.98
CA SER A 565 27.23 -6.03 14.92
C SER A 565 26.66 -5.84 13.51
N VAL A 566 25.64 -5.00 13.38
CA VAL A 566 24.91 -4.85 12.09
C VAL A 566 25.11 -3.43 11.61
N VAL A 567 25.36 -3.24 10.32
CA VAL A 567 25.34 -1.88 9.71
C VAL A 567 24.01 -1.68 8.95
N GLN A 568 23.40 -0.53 9.17
CA GLN A 568 22.31 0.00 8.30
C GLN A 568 22.97 0.92 7.29
N HIS A 569 23.03 0.48 6.04
CA HIS A 569 23.67 1.21 4.92
C HIS A 569 22.67 2.18 4.30
N TRP A 570 23.08 3.42 4.10
CA TRP A 570 22.18 4.45 3.52
C TRP A 570 22.94 5.38 2.58
N THR A 571 24.24 5.61 2.83
CA THR A 571 25.07 6.56 2.04
C THR A 571 26.21 5.85 1.32
N GLY A 572 26.25 6.03 0.00
CA GLY A 572 27.30 5.52 -0.89
C GLY A 572 26.99 4.11 -1.37
N ASN A 573 28.03 3.46 -1.91
CA ASN A 573 28.00 2.10 -2.48
C ASN A 573 28.66 1.17 -1.46
N ALA A 574 27.83 0.37 -0.80
CA ALA A 574 28.19 -0.58 0.26
C ALA A 574 29.13 -1.64 -0.30
N ALA A 575 28.97 -1.99 -1.58
CA ALA A 575 29.74 -3.05 -2.27
C ALA A 575 31.23 -2.69 -2.30
N ASN A 576 31.57 -1.39 -2.26
CA ASN A 576 32.97 -0.90 -2.35
C ASN A 576 33.33 -0.17 -1.07
N ASN A 577 32.59 -0.43 0.02
CA ASN A 577 32.80 0.25 1.31
C ASN A 577 33.64 -0.66 2.20
N ALA A 578 34.93 -0.35 2.32
CA ALA A 578 35.95 -1.19 2.98
C ALA A 578 35.49 -1.55 4.38
N SER A 579 34.95 -0.58 5.10
CA SER A 579 34.59 -0.80 6.52
C SER A 579 33.35 -1.70 6.56
N ILE A 580 32.43 -1.58 5.60
CA ILE A 580 31.27 -2.51 5.50
C ILE A 580 31.82 -3.93 5.26
N GLN A 581 32.69 -4.08 4.25
CA GLN A 581 33.19 -5.42 3.83
C GLN A 581 34.01 -6.05 4.98
N LYS A 582 34.82 -5.26 5.68
CA LYS A 582 35.56 -5.76 6.87
C LYS A 582 34.57 -6.24 7.96
N LEU A 583 33.54 -5.47 8.28
CA LEU A 583 32.52 -5.90 9.28
C LEU A 583 31.85 -7.22 8.83
N LEU A 584 31.41 -7.31 7.58
CA LEU A 584 30.73 -8.51 7.01
C LEU A 584 31.70 -9.67 6.88
N ASN A 585 32.95 -9.43 6.48
CA ASN A 585 33.88 -10.52 6.10
C ASN A 585 34.82 -10.86 7.25
N GLN A 586 35.13 -9.91 8.14
CA GLN A 586 36.18 -10.15 9.18
C GLN A 586 35.56 -10.19 10.57
N ARG A 587 34.35 -9.64 10.78
CA ARG A 587 33.80 -9.49 12.16
C ARG A 587 32.41 -10.12 12.29
N ASN A 588 32.08 -11.01 11.36
CA ASN A 588 30.80 -11.76 11.23
C ASN A 588 29.59 -10.82 11.40
N GLY A 589 29.65 -9.60 10.89
CA GLY A 589 28.51 -8.68 10.99
C GLY A 589 27.44 -9.02 9.95
N LYS A 590 26.41 -8.19 9.87
CA LYS A 590 25.31 -8.33 8.90
C LYS A 590 24.88 -6.93 8.50
N ILE A 591 24.08 -6.81 7.44
CA ILE A 591 23.71 -5.51 6.81
C ILE A 591 22.18 -5.39 6.67
N ILE A 592 21.65 -4.23 7.00
CA ILE A 592 20.26 -3.79 6.67
C ILE A 592 20.41 -2.69 5.61
N MET A 593 19.76 -2.85 4.46
CA MET A 593 19.94 -1.94 3.32
C MET A 593 18.84 -0.88 3.33
N SER A 594 19.25 0.38 3.40
CA SER A 594 18.39 1.59 3.29
C SER A 594 19.11 2.62 2.41
N PRO A 595 19.64 2.20 1.24
CA PRO A 595 20.31 3.11 0.33
C PRO A 595 19.29 4.18 0.00
N ALA A 596 19.66 5.45 0.24
CA ALA A 596 18.81 6.65 0.16
C ALA A 596 17.96 6.62 -1.13
N GLY A 597 18.62 6.43 -2.26
CA GLY A 597 18.03 6.41 -3.61
C GLY A 597 16.96 5.36 -3.81
N ASN A 598 16.83 4.33 -2.96
CA ASN A 598 15.81 3.25 -3.12
C ASN A 598 14.80 3.16 -1.95
N THR A 599 15.05 3.82 -0.81
CA THR A 599 14.29 3.54 0.45
C THR A 599 13.87 4.81 1.21
N TYR A 600 14.44 5.99 0.93
CA TYR A 600 14.19 7.24 1.70
C TYR A 600 12.92 7.94 1.16
N PHE A 601 11.79 7.93 1.89
CA PHE A 601 10.50 8.42 1.36
C PHE A 601 10.49 9.94 1.12
N PRO A 602 11.28 10.79 1.83
CA PRO A 602 11.28 12.23 1.55
C PRO A 602 11.85 12.60 0.17
N GLN A 603 12.69 11.75 -0.44
CA GLN A 603 13.08 11.86 -1.87
C GLN A 603 11.78 11.99 -2.67
N ARG A 604 11.62 13.04 -3.45
CA ARG A 604 10.30 13.33 -4.05
C ARG A 604 9.89 12.13 -4.89
N PRO A 605 8.60 11.75 -4.88
CA PRO A 605 8.14 10.57 -5.60
C PRO A 605 7.90 10.81 -7.09
N GLY A 606 7.99 12.06 -7.57
CA GLY A 606 7.74 12.40 -8.98
C GLY A 606 8.33 13.76 -9.35
N THR A 607 8.61 13.98 -10.64
CA THR A 607 9.17 15.24 -11.19
C THR A 607 8.11 16.35 -11.10
N GLU A 608 6.82 16.01 -10.93
CA GLU A 608 5.76 17.03 -10.76
C GLU A 608 5.67 17.46 -9.29
N THR A 609 6.37 16.78 -8.35
CA THR A 609 6.20 17.03 -6.89
C THR A 609 7.26 17.96 -6.31
N THR A 610 7.03 18.40 -5.09
CA THR A 610 7.94 19.28 -4.32
C THR A 610 8.45 18.44 -3.14
N GLY A 611 9.77 18.39 -2.97
CA GLY A 611 10.43 17.59 -1.93
C GLY A 611 11.92 17.51 -2.18
N VAL A 612 12.57 16.58 -1.49
CA VAL A 612 14.06 16.39 -1.54
C VAL A 612 14.44 15.75 -2.86
N THR A 613 15.52 16.24 -3.47
CA THR A 613 15.94 15.89 -4.84
C THR A 613 17.32 15.22 -4.91
N TRP A 614 18.12 15.14 -3.82
CA TRP A 614 19.58 14.82 -3.97
C TRP A 614 19.85 13.34 -4.31
N ALA A 615 19.00 12.37 -3.91
CA ALA A 615 19.31 10.93 -4.11
C ALA A 615 19.15 10.52 -5.60
N CYS A 616 18.04 10.91 -6.26
CA CYS A 616 17.70 10.48 -7.66
C CYS A 616 17.17 11.61 -8.56
N GLY A 617 16.87 12.79 -8.01
CA GLY A 617 16.01 13.82 -8.62
C GLY A 617 14.58 13.65 -8.17
N ALA A 618 13.94 12.57 -8.64
CA ALA A 618 12.72 11.94 -8.09
C ALA A 618 13.00 10.45 -7.95
N CYS A 619 12.89 9.88 -6.76
CA CYS A 619 13.01 8.40 -6.59
C CYS A 619 11.58 7.88 -6.66
N THR A 620 11.23 7.19 -7.76
CA THR A 620 9.84 6.78 -8.08
C THR A 620 9.69 5.33 -7.62
N THR A 621 8.53 4.71 -7.87
CA THR A 621 8.28 3.28 -7.58
C THR A 621 9.33 2.44 -8.33
N SER A 622 9.89 2.93 -9.44
CA SER A 622 10.95 2.19 -10.18
C SER A 622 12.21 2.08 -9.32
N ASN A 623 12.65 3.19 -8.73
CA ASN A 623 13.84 3.27 -7.84
C ASN A 623 13.65 2.40 -6.58
N PHE A 624 12.42 2.33 -6.03
CA PHE A 624 12.07 1.51 -4.84
C PHE A 624 11.91 0.02 -5.18
N TYR A 625 11.59 -0.33 -6.43
CA TYR A 625 11.29 -1.72 -6.82
C TYR A 625 12.52 -2.34 -7.48
N GLN A 626 13.22 -1.60 -8.35
CA GLN A 626 14.18 -2.21 -9.30
C GLN A 626 15.59 -2.11 -8.71
N TRP A 627 15.83 -2.90 -7.67
CA TRP A 627 17.15 -3.06 -7.03
C TRP A 627 17.14 -4.41 -6.33
N ASN A 628 18.34 -4.99 -6.16
CA ASN A 628 18.60 -6.26 -5.46
C ASN A 628 19.45 -5.88 -4.27
N PRO A 629 18.85 -5.93 -3.06
CA PRO A 629 19.57 -5.59 -1.83
C PRO A 629 20.90 -6.33 -1.64
N THR A 630 20.98 -7.61 -2.01
CA THR A 630 22.20 -8.43 -1.77
C THR A 630 23.32 -7.97 -2.71
N SER A 631 23.02 -7.86 -3.98
CA SER A 631 23.95 -7.32 -5.02
C SER A 631 24.36 -5.88 -4.67
N SER A 632 23.41 -5.02 -4.32
CA SER A 632 23.67 -3.63 -3.89
C SER A 632 24.62 -3.60 -2.67
N ALA A 633 24.54 -4.59 -1.75
CA ALA A 633 25.43 -4.69 -0.57
C ALA A 633 26.81 -5.27 -0.94
N GLY A 634 26.92 -5.92 -2.09
CA GLY A 634 28.15 -6.60 -2.57
C GLY A 634 28.59 -7.72 -1.63
N THR A 635 27.64 -8.51 -1.15
CA THR A 635 27.94 -9.62 -0.19
C THR A 635 27.05 -10.80 -0.55
N THR A 636 27.06 -11.83 0.30
CA THR A 636 26.29 -13.07 0.10
C THR A 636 24.95 -12.96 0.85
N GLU A 637 23.96 -13.69 0.34
CA GLU A 637 22.56 -13.62 0.78
C GLU A 637 22.46 -13.78 2.31
N ASP A 638 23.29 -14.65 2.89
CA ASP A 638 23.26 -15.03 4.32
C ASP A 638 23.60 -13.82 5.19
N LYS A 639 24.37 -12.85 4.67
CA LYS A 639 24.92 -11.73 5.47
C LYS A 639 23.97 -10.53 5.40
N VAL A 640 22.90 -10.64 4.62
CA VAL A 640 21.88 -9.57 4.40
C VAL A 640 20.63 -9.89 5.24
N LEU A 641 20.36 -9.07 6.25
CA LEU A 641 19.15 -9.21 7.12
C LEU A 641 17.88 -8.77 6.34
N GLY A 642 17.97 -7.71 5.52
CA GLY A 642 16.82 -7.21 4.76
C GLY A 642 16.89 -5.71 4.54
N VAL A 643 15.74 -5.02 4.62
CA VAL A 643 15.60 -3.63 4.11
C VAL A 643 14.78 -2.77 5.07
N GLU A 644 14.92 -1.46 4.96
CA GLU A 644 14.04 -0.48 5.66
C GLU A 644 13.86 0.73 4.77
N ASP A 645 12.59 1.06 4.49
CA ASP A 645 12.22 2.43 4.09
C ASP A 645 12.54 3.38 5.24
N ALA A 646 12.70 4.66 4.94
CA ALA A 646 12.96 5.71 5.96
C ALA A 646 11.94 6.84 5.79
N LEU A 647 11.14 7.11 6.83
CA LEU A 647 10.29 8.32 6.91
C LEU A 647 10.96 9.32 7.87
N TRP A 648 11.83 10.15 7.32
CA TRP A 648 12.41 11.33 8.00
C TRP A 648 11.36 12.44 7.94
N SER A 649 11.16 13.20 9.01
CA SER A 649 10.01 14.15 9.13
C SER A 649 10.48 15.61 9.26
N GLU A 650 11.63 15.99 8.68
CA GLU A 650 12.05 17.42 8.64
C GLU A 650 10.88 18.25 8.09
N HIS A 651 10.17 17.74 7.09
CA HIS A 651 9.18 18.55 6.31
C HIS A 651 7.73 18.03 6.51
N LEU A 652 7.49 17.15 7.50
CA LEU A 652 6.23 16.38 7.63
C LEU A 652 5.52 16.80 8.91
N ARG A 653 4.22 17.10 8.79
CA ARG A 653 3.47 17.76 9.88
C ARG A 653 2.13 17.04 10.07
N SER A 654 1.82 16.04 9.25
CA SER A 654 0.55 15.26 9.35
C SER A 654 0.77 13.84 8.82
N LEU A 655 -0.07 12.89 9.27
CA LEU A 655 -0.17 11.52 8.71
C LEU A 655 -0.42 11.56 7.20
N ASN A 656 -1.40 12.37 6.77
CA ASN A 656 -1.80 12.59 5.35
C ASN A 656 -0.57 12.87 4.47
N ASP A 657 0.35 13.72 4.93
CA ASP A 657 1.51 14.17 4.12
C ASP A 657 2.63 13.12 4.22
N ALA A 658 2.68 12.38 5.31
CA ALA A 658 3.59 11.22 5.45
C ALA A 658 3.12 10.14 4.47
N GLU A 659 1.82 9.81 4.48
CA GLU A 659 1.21 8.75 3.63
C GLU A 659 1.38 9.05 2.14
N PHE A 660 1.34 10.32 1.75
CA PHE A 660 1.63 10.79 0.37
C PHE A 660 2.99 10.24 -0.08
N LEU A 661 3.99 10.32 0.80
CA LEU A 661 5.39 9.91 0.51
C LEU A 661 5.53 8.40 0.69
N MET A 662 4.84 7.80 1.68
CA MET A 662 4.99 6.36 2.04
C MET A 662 4.38 5.46 0.94
N TYR A 663 3.28 5.88 0.30
CA TYR A 663 2.43 4.98 -0.54
C TYR A 663 2.31 5.55 -1.96
N THR A 664 2.49 4.71 -2.99
CA THR A 664 2.53 3.27 -2.84
C THR A 664 3.96 2.73 -2.87
N ARG A 665 5.00 3.56 -2.73
CA ARG A 665 6.41 3.13 -2.85
C ARG A 665 6.75 2.12 -1.76
N MET A 666 6.08 2.17 -0.60
CA MET A 666 6.28 1.22 0.54
C MET A 666 5.90 -0.19 0.07
N MET A 667 4.87 -0.32 -0.76
CA MET A 667 4.40 -1.64 -1.28
C MET A 667 5.46 -2.25 -2.22
N ALA A 668 6.33 -1.42 -2.82
CA ALA A 668 7.49 -1.85 -3.62
C ALA A 668 8.55 -2.45 -2.69
N THR A 669 8.94 -1.72 -1.65
CA THR A 669 9.94 -2.17 -0.63
C THR A 669 9.47 -3.50 -0.03
N ALA A 670 8.16 -3.61 0.25
CA ALA A 670 7.52 -4.81 0.80
C ALA A 670 7.80 -5.97 -0.16
N GLU A 671 7.62 -5.74 -1.47
CA GLU A 671 7.90 -6.76 -2.49
C GLU A 671 9.42 -7.02 -2.49
N VAL A 672 10.28 -6.00 -2.31
CA VAL A 672 11.75 -6.25 -2.33
C VAL A 672 12.11 -7.09 -1.09
N GLY A 673 11.49 -6.79 0.05
CA GLY A 673 11.69 -7.53 1.31
C GLY A 673 11.32 -9.00 1.19
N TRP A 674 10.21 -9.31 0.52
CA TRP A 674 9.48 -10.58 0.71
C TRP A 674 9.69 -11.51 -0.49
N THR A 675 9.46 -11.02 -1.70
CA THR A 675 9.45 -11.77 -2.98
C THR A 675 10.88 -12.17 -3.39
N GLN A 676 11.00 -13.32 -4.04
CA GLN A 676 12.25 -13.86 -4.60
C GLN A 676 12.79 -12.95 -5.69
N GLN A 677 14.11 -12.86 -5.84
CA GLN A 677 14.76 -12.02 -6.88
C GLN A 677 14.18 -12.40 -8.24
N ASN A 678 14.17 -13.70 -8.56
CA ASN A 678 13.70 -14.22 -9.87
C ASN A 678 12.17 -14.25 -9.97
N ARG A 679 11.40 -13.81 -8.96
CA ARG A 679 9.93 -13.62 -9.14
C ARG A 679 9.62 -12.12 -9.16
N LYS A 680 10.64 -11.26 -9.13
CA LYS A 680 10.41 -9.80 -9.27
C LYS A 680 10.05 -9.46 -10.71
N ASP A 681 9.01 -8.65 -10.87
CA ASP A 681 8.65 -8.07 -12.18
C ASP A 681 7.99 -6.71 -11.93
N TYR A 682 8.62 -5.63 -12.36
CA TYR A 682 8.18 -4.24 -12.02
C TYR A 682 6.81 -3.97 -12.64
N ASP A 683 6.66 -4.33 -13.92
CA ASP A 683 5.40 -4.17 -14.72
C ASP A 683 4.26 -4.93 -14.05
N ASN A 684 4.56 -6.12 -13.53
CA ASN A 684 3.56 -7.03 -12.91
C ASN A 684 3.11 -6.36 -11.62
N TRP A 685 4.06 -5.83 -10.84
CA TRP A 685 3.83 -5.09 -9.57
C TRP A 685 2.99 -3.84 -9.84
N ASN A 686 3.42 -3.06 -10.84
CA ASN A 686 2.77 -1.82 -11.29
C ASN A 686 1.28 -2.08 -11.57
N LYS A 687 0.98 -3.21 -12.20
CA LYS A 687 -0.41 -3.59 -12.57
C LYS A 687 -1.25 -3.78 -11.30
N ARG A 688 -0.63 -4.16 -10.19
CA ARG A 688 -1.33 -4.56 -8.94
C ARG A 688 -1.63 -3.36 -8.07
N VAL A 689 -1.14 -2.18 -8.45
CA VAL A 689 -1.24 -0.96 -7.62
C VAL A 689 -2.69 -0.46 -7.58
N GLY A 690 -3.45 -0.65 -8.66
CA GLY A 690 -4.82 -0.12 -8.74
C GLY A 690 -5.68 -0.62 -7.59
N ASP A 691 -5.59 -1.91 -7.29
CA ASP A 691 -6.35 -2.60 -6.22
C ASP A 691 -5.79 -2.19 -4.85
N ILE A 692 -4.46 -2.10 -4.75
CA ILE A 692 -3.74 -1.54 -3.57
C ILE A 692 -4.36 -0.17 -3.26
N ALA A 693 -4.47 0.65 -4.28
CA ALA A 693 -5.06 2.01 -4.21
C ALA A 693 -6.53 1.93 -3.73
N ILE A 694 -7.33 0.98 -4.23
CA ILE A 694 -8.76 0.89 -3.83
C ILE A 694 -8.80 0.54 -2.34
N ASP A 695 -7.92 -0.35 -1.88
CA ASP A 695 -7.87 -0.72 -0.45
C ASP A 695 -7.42 0.49 0.38
N LEU A 696 -6.40 1.24 -0.06
CA LEU A 696 -5.98 2.50 0.64
C LEU A 696 -7.14 3.48 0.74
N MET A 697 -7.97 3.68 -0.29
CA MET A 697 -9.08 4.67 -0.21
C MET A 697 -10.11 4.19 0.82
N ASN A 698 -10.27 2.88 0.95
CA ASN A 698 -11.19 2.28 1.95
C ASN A 698 -10.63 2.51 3.35
N ARG A 699 -9.30 2.56 3.51
CA ARG A 699 -8.65 2.74 4.83
C ARG A 699 -8.65 4.23 5.15
N GLY A 700 -8.90 5.08 4.16
CA GLY A 700 -8.76 6.54 4.27
C GLY A 700 -7.29 6.93 4.38
N ALA A 701 -6.39 6.10 3.86
CA ALA A 701 -4.94 6.37 3.77
C ALA A 701 -4.65 7.15 2.49
N ASN A 702 -3.90 8.25 2.59
CA ASN A 702 -3.41 9.02 1.41
C ASN A 702 -2.34 8.23 0.64
N PHE A 703 -1.99 8.67 -0.58
CA PHE A 703 -0.94 8.07 -1.46
C PHE A 703 -0.70 9.00 -2.66
N HIS A 704 0.54 9.08 -3.12
CA HIS A 704 0.94 9.83 -4.32
C HIS A 704 0.34 9.11 -5.55
N LYS A 705 -0.41 9.82 -6.38
CA LYS A 705 -0.97 9.23 -7.64
C LYS A 705 0.11 9.30 -8.75
N ALA A 706 1.13 8.43 -8.66
CA ALA A 706 2.36 8.42 -9.48
C ALA A 706 2.02 8.18 -10.96
N THR A 707 2.58 9.02 -11.82
CA THR A 707 2.29 9.07 -13.28
C THR A 707 2.82 7.77 -13.95
N GLU A 708 3.91 7.19 -13.43
CA GLU A 708 4.48 5.92 -13.96
C GLU A 708 3.57 4.73 -13.62
N VAL A 709 2.63 4.82 -12.68
CA VAL A 709 1.69 3.69 -12.43
C VAL A 709 0.60 3.78 -13.49
N THR A 710 0.39 2.68 -14.22
CA THR A 710 -0.59 2.63 -15.33
C THR A 710 -1.86 1.86 -14.93
N SER A 711 -2.03 1.50 -13.65
CA SER A 711 -3.14 0.58 -13.25
C SER A 711 -4.19 1.29 -12.39
N TRP A 712 -4.12 2.62 -12.27
CA TRP A 712 -5.20 3.44 -11.65
C TRP A 712 -6.55 3.00 -12.23
N LYS A 713 -7.45 2.51 -11.39
CA LYS A 713 -8.75 1.94 -11.82
C LYS A 713 -9.88 2.37 -10.87
N GLY A 714 -11.11 2.27 -11.34
CA GLY A 714 -12.34 2.44 -10.54
C GLY A 714 -12.91 1.11 -10.13
N SER A 715 -13.71 1.11 -9.08
CA SER A 715 -14.40 -0.10 -8.55
C SER A 715 -15.74 0.29 -7.91
N TYR A 716 -16.82 -0.41 -8.27
CA TYR A 716 -18.15 -0.24 -7.64
C TYR A 716 -18.41 -1.41 -6.69
N ALA A 717 -18.91 -1.11 -5.49
CA ALA A 717 -19.41 -2.08 -4.48
C ALA A 717 -20.81 -1.62 -4.05
N ALA A 718 -21.78 -2.52 -4.16
CA ALA A 718 -23.14 -2.32 -3.62
C ALA A 718 -23.05 -2.30 -2.09
N VAL A 719 -23.82 -1.42 -1.48
CA VAL A 719 -23.87 -1.23 -0.01
C VAL A 719 -25.05 -2.06 0.49
N ASP A 720 -24.98 -2.59 1.70
CA ASP A 720 -26.13 -3.28 2.32
C ASP A 720 -27.15 -2.20 2.71
N ALA A 721 -28.11 -1.92 1.84
CA ALA A 721 -29.05 -0.79 2.01
C ALA A 721 -29.95 -1.01 3.24
N ALA A 722 -30.12 -2.25 3.70
CA ALA A 722 -30.95 -2.60 4.87
C ALA A 722 -30.30 -2.08 6.17
N GLU A 723 -29.00 -1.82 6.18
CA GLU A 723 -28.27 -1.30 7.37
C GLU A 723 -28.24 0.23 7.35
N GLN A 724 -28.83 0.86 6.32
CA GLN A 724 -28.74 2.33 6.07
C GLN A 724 -30.05 3.05 6.44
N LYS A 725 -29.90 4.23 7.03
CA LYS A 725 -31.02 5.13 7.37
C LYS A 725 -31.59 5.65 6.04
N VAL A 726 -32.87 5.47 5.80
CA VAL A 726 -33.63 6.21 4.74
C VAL A 726 -34.03 7.57 5.32
N THR A 727 -33.51 8.66 4.75
CA THR A 727 -33.89 10.06 5.11
C THR A 727 -34.60 10.69 3.92
N ASP A 728 -35.93 10.83 4.00
CA ASP A 728 -36.78 11.51 2.99
C ASP A 728 -36.73 10.70 1.68
N GLY A 729 -36.76 9.36 1.77
CA GLY A 729 -36.70 8.45 0.63
C GLY A 729 -35.28 8.17 0.16
N LYS A 730 -34.28 8.90 0.69
CA LYS A 730 -32.88 8.87 0.19
C LYS A 730 -32.07 7.91 1.03
N VAL A 731 -31.26 7.07 0.38
CA VAL A 731 -30.56 5.93 1.02
C VAL A 731 -29.33 5.57 0.20
N LEU A 732 -28.26 5.18 0.90
CA LEU A 732 -26.94 4.81 0.34
C LEU A 732 -27.05 3.38 -0.18
N VAL A 733 -26.86 3.16 -1.49
CA VAL A 733 -27.05 1.82 -2.12
C VAL A 733 -25.73 1.33 -2.73
N GLY A 734 -24.68 2.17 -2.86
CA GLY A 734 -23.47 1.87 -3.65
C GLY A 734 -22.30 2.77 -3.30
N ARG A 735 -21.07 2.33 -3.57
CA ARG A 735 -19.87 3.19 -3.43
C ARG A 735 -18.99 2.99 -4.65
N TYR A 736 -18.46 4.07 -5.20
CA TYR A 736 -17.54 4.02 -6.37
C TYR A 736 -16.20 4.63 -5.96
N ALA A 737 -15.13 3.84 -6.08
CA ALA A 737 -13.75 4.20 -5.69
C ALA A 737 -12.90 4.36 -6.96
N GLU A 738 -12.33 5.54 -7.18
CA GLU A 738 -11.35 5.84 -8.25
C GLU A 738 -10.40 6.94 -7.79
N PRO A 739 -9.08 6.68 -7.72
CA PRO A 739 -8.10 7.72 -7.45
C PRO A 739 -8.16 8.85 -8.49
N GLY A 740 -8.17 10.11 -8.07
CA GLY A 740 -7.88 11.25 -8.96
C GLY A 740 -9.11 12.00 -9.44
N LEU A 741 -10.31 11.67 -8.98
CA LEU A 741 -11.55 12.43 -9.35
C LEU A 741 -11.49 13.84 -8.74
N THR A 742 -11.55 14.87 -9.60
CA THR A 742 -11.73 16.28 -9.21
C THR A 742 -13.22 16.59 -9.09
N GLY A 743 -14.08 15.60 -9.38
CA GLY A 743 -15.54 15.71 -9.22
C GLY A 743 -16.21 14.45 -9.73
N THR A 744 -17.55 14.42 -9.73
CA THR A 744 -18.36 13.23 -10.12
C THR A 744 -19.08 13.43 -11.46
N ASP A 745 -18.91 14.57 -12.16
CA ASP A 745 -19.69 14.90 -13.39
C ASP A 745 -19.26 14.04 -14.59
N GLY A 746 -18.02 13.55 -14.59
CA GLY A 746 -17.49 12.64 -15.63
C GLY A 746 -18.12 11.26 -15.54
N LEU A 747 -18.88 11.01 -14.47
CA LEU A 747 -19.55 9.70 -14.24
C LEU A 747 -21.05 9.89 -14.40
N SER A 748 -21.69 8.92 -15.03
CA SER A 748 -23.17 8.95 -15.16
C SER A 748 -23.74 7.81 -14.34
N PHE A 749 -24.46 8.16 -13.28
CA PHE A 749 -25.12 7.21 -12.34
C PHE A 749 -26.62 7.16 -12.66
N THR A 750 -27.14 5.98 -12.99
CA THR A 750 -28.59 5.73 -13.17
C THR A 750 -29.04 4.56 -12.29
N ALA A 751 -30.29 4.63 -11.85
CA ALA A 751 -30.97 3.66 -10.97
C ALA A 751 -32.42 3.55 -11.42
N THR A 752 -32.97 2.34 -11.37
CA THR A 752 -34.39 2.05 -11.68
C THR A 752 -34.97 1.27 -10.51
N TYR A 753 -36.22 1.57 -10.12
CA TYR A 753 -36.99 0.75 -9.15
C TYR A 753 -37.97 -0.14 -9.93
N THR A 754 -38.16 -1.36 -9.44
CA THR A 754 -39.28 -2.28 -9.77
C THR A 754 -39.47 -3.27 -8.59
N ALA A 755 -40.71 -3.51 -8.16
CA ALA A 755 -41.08 -4.50 -7.10
C ALA A 755 -41.62 -5.77 -7.77
N GLU A 756 -42.30 -6.64 -7.02
CA GLU A 756 -43.03 -7.83 -7.56
C GLU A 756 -44.50 -7.46 -7.77
N GLY A 757 -44.79 -6.15 -7.93
CA GLY A 757 -46.13 -5.60 -8.23
C GLY A 757 -46.12 -4.84 -9.55
N GLY A 758 -45.72 -3.56 -9.53
CA GLY A 758 -45.69 -2.67 -10.71
C GLY A 758 -44.71 -3.16 -11.77
N ALA A 760 -41.18 -0.18 -13.53
CA ALA A 760 -39.99 0.42 -14.19
C ALA A 760 -40.06 1.95 -14.08
N VAL A 761 -39.06 2.56 -13.43
CA VAL A 761 -39.15 3.97 -12.96
C VAL A 761 -37.74 4.45 -12.58
N ASN A 762 -37.25 5.49 -13.27
CA ASN A 762 -35.91 6.08 -13.05
C ASN A 762 -35.92 6.84 -11.72
N LEU A 763 -35.01 6.47 -10.81
CA LEU A 763 -34.84 7.10 -9.48
C LEU A 763 -33.77 8.17 -9.58
N PRO A 764 -33.92 9.31 -8.85
CA PRO A 764 -32.87 10.32 -8.79
C PRO A 764 -31.64 9.77 -8.05
N VAL A 765 -30.47 9.83 -8.68
CA VAL A 765 -29.17 9.43 -8.05
C VAL A 765 -28.46 10.68 -7.56
N THR A 766 -27.92 10.66 -6.34
CA THR A 766 -27.04 11.73 -5.81
C THR A 766 -25.66 11.17 -5.53
N PRO A 767 -24.66 11.38 -6.42
CA PRO A 767 -23.29 10.95 -6.14
C PRO A 767 -22.75 11.97 -5.11
N ASP A 768 -22.16 11.52 -4.00
CA ASP A 768 -21.68 12.39 -2.91
C ASP A 768 -20.24 12.01 -2.60
N MET A 769 -19.29 12.87 -2.93
CA MET A 769 -17.84 12.69 -2.67
C MET A 769 -17.39 13.83 -1.76
N LYS A 770 -17.08 13.53 -0.49
CA LYS A 770 -16.77 14.54 0.55
C LYS A 770 -15.63 15.44 0.08
N GLN A 771 -14.59 14.87 -0.49
CA GLN A 771 -13.33 15.55 -0.85
C GLN A 771 -12.92 15.20 -2.27
N THR A 772 -12.39 16.18 -2.99
CA THR A 772 -11.78 16.01 -4.33
C THR A 772 -10.26 15.79 -4.19
N TYR A 773 -9.70 15.22 -5.24
CA TYR A 773 -8.26 14.93 -5.42
C TYR A 773 -7.53 16.26 -5.65
N SER A 774 -6.44 16.47 -4.93
CA SER A 774 -5.50 17.59 -5.14
C SER A 774 -4.06 17.07 -5.09
N GLN A 775 -3.21 17.64 -5.92
CA GLN A 775 -1.75 17.47 -5.79
C GLN A 775 -1.28 18.46 -4.74
N GLN A 776 0.00 18.40 -4.45
CA GLN A 776 0.72 19.35 -3.59
C GLN A 776 0.33 20.79 -3.93
N GLN A 777 -0.01 21.56 -2.90
CA GLN A 777 -0.29 23.02 -2.99
C GLN A 777 0.84 23.79 -2.29
N LEU A 778 1.29 24.90 -2.88
CA LEU A 778 2.31 25.84 -2.37
C LEU A 778 1.65 27.19 -2.01
N LYS A 779 2.03 27.79 -0.88
CA LYS A 779 1.66 29.20 -0.52
C LYS A 779 2.94 29.92 -0.08
N ASN A 780 3.32 30.96 -0.82
CA ASN A 780 4.51 31.80 -0.54
C ASN A 780 5.76 30.92 -0.67
N GLY A 781 5.75 30.03 -1.66
CA GLY A 781 6.88 29.13 -2.00
C GLY A 781 6.96 27.90 -1.12
N ARG A 782 6.08 27.76 -0.12
CA ARG A 782 6.17 26.78 1.00
C ARG A 782 5.02 25.77 0.90
N LEU A 783 5.28 24.49 1.20
CA LEU A 783 4.27 23.40 1.08
C LEU A 783 3.13 23.71 2.05
N VAL A 784 1.89 23.76 1.57
CA VAL A 784 0.69 23.74 2.48
C VAL A 784 0.56 22.32 3.03
N VAL A 785 0.47 22.20 4.36
CA VAL A 785 0.13 20.94 5.08
C VAL A 785 -1.25 20.46 4.61
N ASN A 786 -1.30 19.18 4.17
CA ASN A 786 -2.50 18.45 3.68
C ASN A 786 -2.96 19.03 2.34
N GLY A 787 -2.09 19.74 1.60
CA GLY A 787 -2.42 20.20 0.23
C GLY A 787 -2.72 19.04 -0.70
N ALA A 788 -1.86 18.02 -0.67
CA ALA A 788 -2.02 16.79 -1.47
C ALA A 788 -2.94 15.84 -0.71
N HIS A 789 -4.10 15.54 -1.27
CA HIS A 789 -5.05 14.60 -0.63
C HIS A 789 -5.80 13.86 -1.73
N MET A 790 -6.15 12.62 -1.46
CA MET A 790 -6.93 11.76 -2.38
C MET A 790 -8.39 12.19 -2.27
N ASN A 791 -9.12 12.15 -3.37
CA ASN A 791 -10.59 12.29 -3.37
C ASN A 791 -11.18 11.22 -2.48
N SER A 792 -12.36 11.45 -1.93
CA SER A 792 -13.13 10.43 -1.16
C SER A 792 -13.62 9.32 -2.10
N ILE A 793 -14.04 8.21 -1.52
CA ILE A 793 -14.93 7.22 -2.20
C ILE A 793 -16.28 7.92 -2.44
N VAL A 794 -16.91 7.66 -3.56
CA VAL A 794 -18.23 8.26 -3.92
C VAL A 794 -19.33 7.46 -3.23
N ASP A 795 -20.17 8.14 -2.46
CA ASP A 795 -21.38 7.53 -1.84
C ASP A 795 -22.50 7.72 -2.86
N VAL A 796 -23.04 6.61 -3.35
CA VAL A 796 -24.13 6.62 -4.36
C VAL A 796 -25.45 6.44 -3.62
N TYR A 797 -26.22 7.52 -3.54
CA TYR A 797 -27.57 7.55 -2.93
C TYR A 797 -28.62 7.50 -4.05
N VAL A 798 -29.72 6.82 -3.83
CA VAL A 798 -30.95 6.97 -4.65
C VAL A 798 -32.05 7.46 -3.72
N THR A 799 -33.00 8.20 -4.29
CA THR A 799 -34.25 8.63 -3.62
C THR A 799 -35.35 7.68 -4.08
N LEU A 800 -35.88 6.85 -3.19
CA LEU A 800 -37.05 5.99 -3.48
C LEU A 800 -38.30 6.86 -3.45
N PRO A 801 -39.37 6.51 -4.19
CA PRO A 801 -40.66 7.21 -4.06
C PRO A 801 -41.24 6.95 -2.67
N SER A 802 -42.33 7.64 -2.32
CA SER A 802 -43.13 7.40 -1.09
C SER A 802 -43.77 6.01 -1.11
N ASP A 803 -44.48 5.66 -2.20
CA ASP A 803 -45.18 4.35 -2.37
C ASP A 803 -44.24 3.20 -1.99
N VAL A 804 -42.92 3.45 -2.02
CA VAL A 804 -41.82 2.45 -1.84
C VAL A 804 -40.87 2.87 -0.70
N LEU A 805 -41.18 3.96 0.01
CA LEU A 805 -40.41 4.42 1.20
C LEU A 805 -40.73 3.50 2.39
N ALA A 806 -41.97 2.99 2.43
CA ALA A 806 -42.50 2.11 3.51
C ALA A 806 -43.09 0.83 2.89
N ALA A 807 -42.28 0.08 2.14
CA ALA A 807 -42.61 -1.24 1.54
C ALA A 807 -41.56 -2.27 1.97
N ASP A 808 -41.95 -3.23 2.83
CA ASP A 808 -41.03 -4.16 3.55
C ASP A 808 -40.12 -4.91 2.56
N SER A 809 -38.91 -5.29 3.00
CA SER A 809 -37.89 -6.02 2.21
C SER A 809 -36.90 -6.73 3.14
N VAL A 812 -38.43 -6.95 -1.04
CA VAL A 812 -39.20 -7.06 -2.32
C VAL A 812 -38.46 -6.29 -3.42
N GLY A 813 -37.91 -5.11 -3.11
CA GLY A 813 -37.42 -4.12 -4.09
C GLY A 813 -35.99 -4.36 -4.51
N ARG A 814 -35.77 -5.19 -5.54
CA ARG A 814 -34.48 -5.28 -6.27
C ARG A 814 -34.27 -3.94 -6.99
N LEU A 815 -33.03 -3.45 -6.93
CA LEU A 815 -32.62 -2.14 -7.49
C LEU A 815 -31.60 -2.41 -8.60
N ASP A 816 -31.63 -1.59 -9.65
CA ASP A 816 -30.68 -1.64 -10.78
C ASP A 816 -29.91 -0.31 -10.80
N VAL A 817 -28.60 -0.36 -10.51
CA VAL A 817 -27.69 0.83 -10.50
C VAL A 817 -26.74 0.66 -11.67
N SER A 818 -26.50 1.70 -12.45
CA SER A 818 -25.48 1.70 -13.52
C SER A 818 -24.56 2.89 -13.31
N VAL A 819 -23.27 2.69 -13.58
CA VAL A 819 -22.21 3.72 -13.56
C VAL A 819 -21.47 3.66 -14.90
N SER A 820 -21.39 4.77 -15.62
CA SER A 820 -20.69 4.90 -16.92
C SER A 820 -19.78 6.14 -16.91
N SER A 821 -18.53 5.96 -17.32
CA SER A 821 -17.56 7.00 -17.74
C SER A 821 -16.87 6.51 -19.02
N SER A 822 -16.07 7.35 -19.67
CA SER A 822 -15.23 6.99 -20.86
C SER A 822 -14.30 5.79 -20.53
N THR A 823 -13.94 5.63 -19.26
CA THR A 823 -12.91 4.65 -18.85
C THR A 823 -13.52 3.63 -17.89
N TYR A 824 -14.81 3.72 -17.56
CA TYR A 824 -15.43 2.76 -16.62
C TYR A 824 -16.88 2.47 -17.01
N HIS A 825 -17.30 1.22 -16.88
CA HIS A 825 -18.72 0.80 -16.98
C HIS A 825 -18.97 -0.38 -16.04
N HIS A 826 -20.00 -0.30 -15.22
CA HIS A 826 -20.52 -1.44 -14.43
C HIS A 826 -22.03 -1.29 -14.27
N HIS A 827 -22.77 -2.37 -14.48
CA HIS A 827 -24.20 -2.49 -14.09
C HIS A 827 -24.27 -3.54 -12.97
N HIS A 828 -24.85 -3.17 -11.82
CA HIS A 828 -24.95 -4.06 -10.64
C HIS A 828 -26.42 -4.36 -10.32
N HIS A 829 -26.65 -5.58 -9.83
CA HIS A 829 -27.98 -6.24 -9.66
C HIS A 829 -27.91 -7.25 -8.51
N HIS A 830 -28.83 -7.16 -7.55
CA HIS A 830 -28.90 -8.02 -6.33
C HIS A 830 -30.37 -8.22 -5.93
#